data_5RAO
#
_entry.id   5RAO
#
_cell.length_a   57.540
_cell.length_b   93.610
_cell.length_c   93.435
_cell.angle_alpha   90.000
_cell.angle_beta   108.010
_cell.angle_gamma   90.000
#
_symmetry.space_group_name_H-M   'P 1 21 1'
#
loop_
_entity.id
_entity.type
_entity.pdbx_description
1 polymer 'Lysine-specific demethylase 3B'
2 non-polymer 'ethyl 2-pyridin-4-ylethanoate'
3 non-polymer 'CHLORIDE ION'
4 non-polymer 'MANGANESE (II) ION'
5 water water
#
_entity_poly.entity_id   1
_entity_poly.type   'polypeptide(L)'
_entity_poly.pdbx_seq_one_letter_code
;MHHHHHHSSGVDLGTENLYFQSMTSHSWLCDGRLLCLHDPSNKNNWKIFRECWKQGQPVLVSGVHKKLKSELWKPEAFSQ
EFGDQDVDLVNCRNCAIISDVKVRDFWDGFEIICKRLRSEDGQPMVLKLKDWPPGEDFRDMMPTRFEDLMENLPLPEYTK
RDGRLNLASRLPSYFVRPDLGPKMYNAYGLITAEDRRVGTTNLHLDVSDAVNVMVYVGIPIGEGAHDEEVLKTIDEGDAD
EVTKERIHDHKEKPGALWHIYAAKDAEKIRELLRKVGEEQGQENPPDHDPIHDQSWYLDQTLRKRLYEEYGVQGWAIVQF
LGDAVFIPAGAPHQVHNLYSCIKVAEDFVSPEHVKHCFRLTQEFRHLSNTHT
;
_entity_poly.pdbx_strand_id   A,B
#
# COMPACT_ATOMS: atom_id res chain seq x y z
N SER A 22 -38.41 -34.16 1.84
CA SER A 22 -37.97 -34.15 3.27
C SER A 22 -36.85 -33.10 3.47
N MET A 23 -36.94 -32.35 4.58
N MET A 23 -36.91 -32.33 4.56
CA MET A 23 -35.82 -31.53 5.12
CA MET A 23 -35.82 -31.38 4.94
C MET A 23 -34.61 -32.45 5.25
C MET A 23 -34.61 -32.20 5.43
N THR A 24 -33.44 -31.97 4.82
CA THR A 24 -32.17 -32.68 5.08
C THR A 24 -31.09 -31.67 5.50
N SER A 25 -30.05 -32.15 6.15
CA SER A 25 -28.98 -31.27 6.70
C SER A 25 -28.16 -30.66 5.55
N HIS A 26 -27.92 -31.36 4.45
CA HIS A 26 -27.02 -30.94 3.36
C HIS A 26 -27.24 -31.78 2.12
N SER A 27 -26.54 -31.40 1.06
CA SER A 27 -26.51 -32.04 -0.26
C SER A 27 -25.20 -31.63 -0.94
N TRP A 28 -25.00 -32.10 -2.18
CA TRP A 28 -23.71 -31.85 -2.88
C TRP A 28 -24.00 -31.16 -4.22
N LEU A 29 -23.12 -30.27 -4.64
CA LEU A 29 -23.10 -29.72 -6.01
C LEU A 29 -21.72 -30.03 -6.62
N CYS A 30 -21.48 -29.57 -7.84
CA CYS A 30 -20.18 -29.74 -8.56
C CYS A 30 -19.81 -31.23 -8.56
N ASP A 31 -20.81 -32.09 -8.77
CA ASP A 31 -20.66 -33.57 -8.84
C ASP A 31 -20.02 -34.16 -7.57
N GLY A 32 -20.35 -33.69 -6.36
CA GLY A 32 -19.75 -34.16 -5.08
C GLY A 32 -18.65 -33.31 -4.51
N ARG A 33 -18.12 -32.36 -5.33
CA ARG A 33 -16.93 -31.56 -4.95
C ARG A 33 -17.31 -30.32 -4.10
N LEU A 34 -18.60 -29.97 -3.99
CA LEU A 34 -19.02 -28.73 -3.23
C LEU A 34 -20.10 -29.10 -2.19
N LEU A 35 -19.80 -28.92 -0.91
CA LEU A 35 -20.80 -29.05 0.17
C LEU A 35 -21.86 -27.95 0.08
N CYS A 36 -23.16 -28.30 0.12
N CYS A 36 -23.14 -28.30 0.22
CA CYS A 36 -24.29 -27.34 0.26
CA CYS A 36 -24.29 -27.38 0.29
C CYS A 36 -25.05 -27.60 1.57
C CYS A 36 -25.06 -27.61 1.59
N LEU A 37 -24.86 -26.73 2.58
CA LEU A 37 -25.60 -26.79 3.87
C LEU A 37 -26.99 -26.15 3.72
N HIS A 38 -28.02 -26.80 4.28
CA HIS A 38 -29.42 -26.35 4.00
C HIS A 38 -30.02 -25.42 5.07
N ASP A 39 -29.58 -25.47 6.31
CA ASP A 39 -30.16 -24.71 7.45
C ASP A 39 -29.09 -23.79 8.00
N PRO A 40 -29.13 -22.46 7.72
CA PRO A 40 -28.05 -21.57 8.16
C PRO A 40 -27.81 -21.49 9.68
N SER A 41 -28.79 -21.87 10.50
CA SER A 41 -28.72 -21.71 11.97
C SER A 41 -28.66 -23.08 12.65
N ASN A 42 -28.41 -24.16 11.90
CA ASN A 42 -28.19 -25.48 12.52
C ASN A 42 -26.88 -25.48 13.33
N LYS A 43 -26.96 -25.69 14.66
CA LYS A 43 -25.80 -25.67 15.59
C LYS A 43 -24.81 -26.79 15.32
N ASN A 44 -25.16 -27.81 14.54
CA ASN A 44 -24.27 -28.95 14.18
C ASN A 44 -23.57 -28.76 12.81
N ASN A 45 -23.74 -27.64 12.13
CA ASN A 45 -23.15 -27.43 10.76
C ASN A 45 -21.62 -27.58 10.78
N TRP A 46 -20.96 -27.16 11.86
CA TRP A 46 -19.48 -27.18 11.96
C TRP A 46 -18.94 -28.61 11.72
N LYS A 47 -19.68 -29.65 12.14
CA LYS A 47 -19.20 -31.05 12.04
C LYS A 47 -19.00 -31.46 10.57
N ILE A 48 -19.87 -31.03 9.66
CA ILE A 48 -19.86 -31.34 8.20
C ILE A 48 -18.87 -30.36 7.50
N PHE A 49 -18.94 -29.10 7.91
CA PHE A 49 -18.18 -27.97 7.32
C PHE A 49 -16.67 -28.17 7.44
N ARG A 50 -16.25 -28.54 8.66
N ARG A 50 -16.20 -28.52 8.64
CA ARG A 50 -14.82 -28.50 9.10
CA ARG A 50 -14.76 -28.38 8.95
C ARG A 50 -13.96 -29.38 8.19
C ARG A 50 -13.93 -29.37 8.15
N GLU A 51 -14.46 -30.56 7.80
CA GLU A 51 -13.70 -31.54 6.97
C GLU A 51 -13.44 -30.98 5.55
N CYS A 52 -14.49 -30.38 4.96
CA CYS A 52 -14.38 -29.83 3.59
C CYS A 52 -13.48 -28.59 3.61
N TRP A 53 -13.63 -27.75 4.62
CA TRP A 53 -12.91 -26.47 4.74
C TRP A 53 -11.40 -26.73 4.90
N LYS A 54 -11.04 -27.76 5.70
CA LYS A 54 -9.61 -28.07 5.96
C LYS A 54 -8.94 -28.44 4.65
N GLN A 55 -9.65 -29.03 3.67
CA GLN A 55 -9.13 -29.48 2.35
C GLN A 55 -9.00 -28.31 1.37
N GLY A 56 -9.41 -27.12 1.75
CA GLY A 56 -9.24 -25.93 0.87
C GLY A 56 -10.41 -25.72 -0.08
N GLN A 57 -11.54 -26.40 0.15
CA GLN A 57 -12.75 -26.26 -0.70
C GLN A 57 -13.60 -25.06 -0.29
N PRO A 58 -14.24 -24.39 -1.27
CA PRO A 58 -15.36 -23.51 -0.94
C PRO A 58 -16.55 -24.33 -0.44
N VAL A 59 -17.49 -23.63 0.21
CA VAL A 59 -18.74 -24.21 0.79
C VAL A 59 -19.90 -23.25 0.47
N LEU A 60 -21.06 -23.80 0.15
CA LEU A 60 -22.30 -22.99 -0.05
C LEU A 60 -23.27 -23.26 1.12
N VAL A 61 -23.91 -22.19 1.64
CA VAL A 61 -25.00 -22.37 2.64
C VAL A 61 -26.26 -21.67 2.11
N SER A 62 -27.36 -22.42 1.92
CA SER A 62 -28.59 -21.81 1.33
C SER A 62 -29.54 -21.33 2.46
N GLY A 63 -30.49 -20.41 2.11
CA GLY A 63 -31.60 -20.05 3.01
C GLY A 63 -31.40 -18.84 3.87
N VAL A 64 -30.30 -18.09 3.77
CA VAL A 64 -29.98 -16.95 4.68
C VAL A 64 -31.05 -15.85 4.51
N HIS A 65 -31.62 -15.69 3.31
CA HIS A 65 -32.66 -14.65 3.02
C HIS A 65 -33.86 -14.80 3.95
N LYS A 66 -34.18 -16.05 4.29
CA LYS A 66 -35.35 -16.37 5.18
C LYS A 66 -35.08 -15.91 6.62
N LYS A 67 -33.84 -15.59 7.00
CA LYS A 67 -33.43 -15.18 8.37
C LYS A 67 -33.38 -13.64 8.49
N LEU A 68 -33.42 -12.89 7.38
CA LEU A 68 -33.15 -11.43 7.34
C LEU A 68 -34.49 -10.66 7.32
N LYS A 69 -34.42 -9.39 7.65
CA LYS A 69 -35.54 -8.41 7.52
C LYS A 69 -35.52 -7.89 6.06
N SER A 70 -36.35 -8.48 5.21
CA SER A 70 -36.37 -8.28 3.74
C SER A 70 -36.54 -6.81 3.37
N GLU A 71 -37.23 -6.01 4.19
CA GLU A 71 -37.42 -4.56 3.90
C GLU A 71 -36.11 -3.73 4.01
N LEU A 72 -35.07 -4.21 4.73
CA LEU A 72 -33.80 -3.49 4.92
C LEU A 72 -32.92 -3.66 3.65
N TRP A 73 -33.25 -4.59 2.75
CA TRP A 73 -32.27 -5.00 1.68
C TRP A 73 -32.84 -4.71 0.28
N LYS A 74 -33.72 -3.72 0.15
CA LYS A 74 -34.36 -3.36 -1.14
C LYS A 74 -33.64 -2.18 -1.77
N PRO A 75 -33.50 -2.17 -3.11
CA PRO A 75 -32.87 -1.05 -3.80
C PRO A 75 -33.57 0.32 -3.56
N GLU A 76 -34.89 0.34 -3.51
CA GLU A 76 -35.66 1.59 -3.31
C GLU A 76 -35.36 2.19 -1.92
N ALA A 77 -35.15 1.37 -0.88
CA ALA A 77 -34.75 1.87 0.46
C ALA A 77 -33.39 2.55 0.40
N PHE A 78 -32.39 1.91 -0.25
CA PHE A 78 -31.04 2.47 -0.32
C PHE A 78 -31.11 3.83 -1.03
N SER A 79 -31.89 3.91 -2.09
CA SER A 79 -32.01 5.19 -2.84
C SER A 79 -32.65 6.30 -1.97
N GLN A 80 -33.75 6.00 -1.29
CA GLN A 80 -34.51 6.95 -0.45
C GLN A 80 -33.60 7.46 0.67
N GLU A 81 -32.85 6.56 1.34
CA GLU A 81 -32.13 6.88 2.58
C GLU A 81 -30.77 7.53 2.28
N PHE A 82 -30.06 7.16 1.19
CA PHE A 82 -28.65 7.53 0.93
C PHE A 82 -28.44 8.21 -0.43
N GLY A 83 -29.52 8.51 -1.19
CA GLY A 83 -29.45 8.89 -2.62
C GLY A 83 -28.64 10.12 -2.95
N ASP A 84 -28.49 11.04 -1.96
CA ASP A 84 -27.74 12.33 -2.14
C ASP A 84 -26.24 12.19 -1.95
N GLN A 85 -25.73 11.02 -1.56
CA GLN A 85 -24.27 10.83 -1.45
C GLN A 85 -23.59 10.84 -2.82
N ASP A 86 -22.41 11.43 -2.89
CA ASP A 86 -21.53 11.40 -4.08
C ASP A 86 -20.70 10.10 -4.15
N VAL A 87 -20.57 9.52 -5.36
CA VAL A 87 -19.93 8.18 -5.60
C VAL A 87 -19.36 8.16 -6.99
N ASP A 88 -18.47 7.18 -7.25
CA ASP A 88 -18.03 6.83 -8.60
C ASP A 88 -18.64 5.47 -8.97
N LEU A 89 -18.92 5.27 -10.25
CA LEU A 89 -19.44 4.01 -10.83
C LEU A 89 -18.39 3.47 -11.77
N VAL A 90 -18.47 2.20 -12.10
CA VAL A 90 -17.64 1.59 -13.16
C VAL A 90 -18.54 1.02 -14.25
N ASN A 91 -18.19 1.27 -15.51
CA ASN A 91 -18.83 0.67 -16.69
C ASN A 91 -18.26 -0.73 -16.85
N CYS A 92 -19.02 -1.80 -16.54
CA CYS A 92 -18.48 -3.19 -16.55
C CYS A 92 -17.98 -3.63 -17.94
N ARG A 93 -18.51 -3.13 -19.05
CA ARG A 93 -18.15 -3.51 -20.45
C ARG A 93 -16.74 -3.03 -20.85
N ASN A 94 -16.26 -1.89 -20.34
CA ASN A 94 -14.94 -1.30 -20.75
C ASN A 94 -14.11 -0.79 -19.56
N CYS A 95 -14.52 -0.97 -18.31
CA CYS A 95 -13.78 -0.55 -17.08
C CYS A 95 -13.64 0.98 -16.90
N ALA A 96 -14.31 1.78 -17.71
CA ALA A 96 -14.35 3.27 -17.60
C ALA A 96 -15.00 3.68 -16.27
N ILE A 97 -14.44 4.71 -15.65
CA ILE A 97 -14.93 5.25 -14.35
C ILE A 97 -15.90 6.40 -14.65
N ILE A 98 -17.11 6.34 -14.12
CA ILE A 98 -18.08 7.46 -14.17
C ILE A 98 -17.91 8.20 -12.84
N SER A 99 -17.24 9.37 -12.88
CA SER A 99 -16.79 10.12 -11.66
C SER A 99 -17.87 11.05 -11.09
N ASP A 100 -18.00 11.06 -9.78
CA ASP A 100 -18.69 12.11 -9.00
C ASP A 100 -20.15 12.26 -9.46
N VAL A 101 -20.92 11.17 -9.39
CA VAL A 101 -22.38 11.20 -9.61
C VAL A 101 -23.06 10.85 -8.28
N LYS A 102 -24.39 10.95 -8.20
CA LYS A 102 -25.16 10.67 -6.98
C LYS A 102 -25.46 9.18 -6.91
N VAL A 103 -25.50 8.66 -5.71
CA VAL A 103 -25.81 7.22 -5.55
C VAL A 103 -27.23 6.89 -6.05
N ARG A 104 -28.19 7.82 -6.01
CA ARG A 104 -29.53 7.53 -6.59
C ARG A 104 -29.42 7.24 -8.10
N ASP A 105 -28.44 7.81 -8.84
CA ASP A 105 -28.30 7.61 -10.32
C ASP A 105 -28.06 6.11 -10.58
N PHE A 106 -27.39 5.41 -9.63
CA PHE A 106 -27.18 3.94 -9.71
C PHE A 106 -28.46 3.24 -9.28
N TRP A 107 -28.95 3.49 -8.05
CA TRP A 107 -30.07 2.69 -7.50
C TRP A 107 -31.36 2.82 -8.34
N ASP A 108 -31.70 4.00 -8.84
CA ASP A 108 -32.99 4.13 -9.60
C ASP A 108 -33.01 3.38 -10.94
N GLY A 109 -31.86 2.95 -11.51
CA GLY A 109 -31.76 2.11 -12.69
C GLY A 109 -31.52 0.61 -12.37
N PHE A 110 -31.59 0.20 -11.13
CA PHE A 110 -31.19 -1.17 -10.68
C PHE A 110 -32.05 -2.22 -11.37
N GLU A 111 -33.35 -1.98 -11.47
CA GLU A 111 -34.32 -2.92 -12.07
C GLU A 111 -35.01 -2.31 -13.28
N ILE A 112 -35.21 -1.01 -13.27
CA ILE A 112 -35.95 -0.32 -14.36
C ILE A 112 -34.98 0.10 -15.43
N ILE A 113 -34.90 -0.63 -16.52
CA ILE A 113 -33.89 -0.42 -17.56
C ILE A 113 -34.02 0.99 -18.20
N CYS A 114 -35.26 1.54 -18.39
CA CYS A 114 -35.56 2.89 -18.98
C CYS A 114 -34.98 4.00 -18.08
N LYS A 115 -34.36 3.73 -16.92
CA LYS A 115 -33.81 4.80 -16.03
C LYS A 115 -32.27 4.73 -16.01
N ARG A 116 -31.63 3.77 -16.69
CA ARG A 116 -30.16 3.64 -16.59
C ARG A 116 -29.42 4.70 -17.39
N LEU A 117 -28.29 5.18 -16.87
CA LEU A 117 -27.32 6.02 -17.61
C LEU A 117 -26.99 5.30 -18.93
N ARG A 118 -26.96 6.05 -20.04
CA ARG A 118 -26.74 5.50 -21.41
C ARG A 118 -25.32 5.81 -21.88
N SER A 119 -24.70 4.84 -22.56
CA SER A 119 -23.40 5.05 -23.24
C SER A 119 -23.66 5.88 -24.53
N GLU A 120 -22.59 6.35 -25.13
CA GLU A 120 -22.63 7.12 -26.41
C GLU A 120 -23.41 6.37 -27.49
N ASP A 121 -23.38 5.04 -27.50
CA ASP A 121 -24.08 4.22 -28.53
C ASP A 121 -25.59 4.22 -28.29
N GLY A 122 -26.07 4.89 -27.22
CA GLY A 122 -27.49 4.96 -26.83
C GLY A 122 -28.01 3.75 -26.08
N GLN A 123 -27.12 2.81 -25.66
CA GLN A 123 -27.56 1.58 -24.93
C GLN A 123 -27.53 1.87 -23.44
N PRO A 124 -28.40 1.24 -22.64
CA PRO A 124 -28.26 1.38 -21.20
C PRO A 124 -26.96 0.67 -20.72
N MET A 125 -26.18 1.31 -19.84
CA MET A 125 -24.88 0.76 -19.35
C MET A 125 -25.13 -0.31 -18.29
N VAL A 126 -24.19 -1.27 -18.22
CA VAL A 126 -24.12 -2.25 -17.09
C VAL A 126 -23.13 -1.70 -16.09
N LEU A 127 -23.59 -1.21 -14.93
CA LEU A 127 -22.80 -0.44 -13.96
C LEU A 127 -22.58 -1.23 -12.67
N LYS A 128 -21.44 -0.96 -12.06
CA LYS A 128 -21.05 -1.40 -10.70
C LYS A 128 -20.90 -0.15 -9.83
N LEU A 129 -21.42 -0.16 -8.62
CA LEU A 129 -21.23 0.92 -7.64
C LEU A 129 -19.90 0.68 -6.90
N LYS A 130 -18.94 1.58 -7.03
CA LYS A 130 -17.56 1.39 -6.49
C LYS A 130 -17.48 1.85 -5.02
N ASP A 131 -16.88 1.01 -4.15
CA ASP A 131 -16.44 1.43 -2.77
C ASP A 131 -17.58 2.12 -2.00
N TRP A 132 -18.73 1.47 -1.85
CA TRP A 132 -19.92 2.06 -1.18
C TRP A 132 -20.62 1.02 -0.34
N PRO A 133 -20.91 1.26 0.95
CA PRO A 133 -20.33 2.37 1.72
C PRO A 133 -18.81 2.36 1.72
N PRO A 134 -18.16 3.53 1.81
CA PRO A 134 -16.72 3.63 1.61
C PRO A 134 -15.88 3.08 2.78
N GLY A 135 -14.75 2.43 2.46
CA GLY A 135 -13.80 1.85 3.43
C GLY A 135 -14.52 1.02 4.47
N GLU A 136 -14.41 1.40 5.75
CA GLU A 136 -14.92 0.65 6.93
C GLU A 136 -16.22 1.28 7.45
N ASP A 137 -16.89 2.16 6.68
CA ASP A 137 -18.03 2.97 7.20
C ASP A 137 -19.39 2.24 7.20
N PHE A 138 -19.51 0.95 6.83
CA PHE A 138 -20.83 0.27 6.79
C PHE A 138 -21.55 0.39 8.14
N ARG A 139 -20.88 0.03 9.25
CA ARG A 139 -21.52 -0.02 10.59
C ARG A 139 -22.02 1.37 11.03
N ASP A 140 -21.24 2.42 10.82
CA ASP A 140 -21.63 3.81 11.19
C ASP A 140 -22.79 4.27 10.31
N MET A 141 -22.72 3.99 8.99
CA MET A 141 -23.75 4.50 8.04
C MET A 141 -25.06 3.70 8.21
N MET A 142 -24.98 2.36 8.43
CA MET A 142 -26.14 1.45 8.39
C MET A 142 -26.19 0.53 9.62
N PRO A 143 -26.42 1.05 10.85
CA PRO A 143 -26.36 0.21 12.05
C PRO A 143 -27.43 -0.88 12.14
N THR A 144 -28.66 -0.70 11.64
CA THR A 144 -29.74 -1.70 11.66
C THR A 144 -29.38 -2.84 10.68
N ARG A 145 -28.83 -2.48 9.51
CA ARG A 145 -28.40 -3.52 8.49
C ARG A 145 -27.25 -4.34 9.06
N PHE A 146 -26.28 -3.67 9.70
CA PHE A 146 -25.11 -4.33 10.29
C PHE A 146 -25.60 -5.40 11.28
N GLU A 147 -26.49 -5.04 12.21
CA GLU A 147 -27.03 -5.98 13.23
C GLU A 147 -27.77 -7.15 12.56
N ASP A 148 -28.59 -6.89 11.55
CA ASP A 148 -29.42 -7.90 10.84
C ASP A 148 -28.49 -8.92 10.15
N LEU A 149 -27.42 -8.44 9.57
CA LEU A 149 -26.46 -9.34 8.84
C LEU A 149 -25.68 -10.13 9.89
N MET A 150 -25.02 -9.46 10.84
CA MET A 150 -24.04 -10.15 11.72
C MET A 150 -24.69 -11.21 12.59
N GLU A 151 -25.95 -11.01 13.00
CA GLU A 151 -26.73 -11.93 13.87
C GLU A 151 -27.28 -13.15 13.09
N ASN A 152 -27.16 -13.18 11.77
CA ASN A 152 -27.75 -14.25 10.93
C ASN A 152 -26.67 -14.89 10.02
N LEU A 153 -25.41 -14.51 10.13
CA LEU A 153 -24.33 -15.21 9.37
C LEU A 153 -24.27 -16.67 9.80
N PRO A 154 -24.13 -17.60 8.84
CA PRO A 154 -23.88 -19.02 9.16
C PRO A 154 -22.46 -19.25 9.69
N LEU A 155 -22.24 -20.40 10.37
CA LEU A 155 -20.94 -20.82 10.93
C LEU A 155 -20.41 -19.68 11.81
N PRO A 156 -21.22 -19.23 12.80
CA PRO A 156 -20.85 -18.02 13.56
C PRO A 156 -19.56 -18.09 14.39
N GLU A 157 -19.07 -19.27 14.79
CA GLU A 157 -17.78 -19.37 15.53
C GLU A 157 -16.63 -18.96 14.60
N TYR A 158 -16.81 -19.16 13.29
CA TYR A 158 -15.83 -18.73 12.26
C TYR A 158 -16.07 -17.27 11.81
N THR A 159 -17.32 -16.86 11.62
CA THR A 159 -17.65 -15.64 10.84
C THR A 159 -17.92 -14.38 11.68
N LYS A 160 -18.28 -14.51 12.95
CA LYS A 160 -18.53 -13.31 13.83
C LYS A 160 -17.19 -12.68 14.24
N ARG A 161 -17.17 -11.34 14.45
CA ARG A 161 -15.90 -10.58 14.64
C ARG A 161 -15.11 -11.19 15.81
N ASP A 162 -15.83 -11.63 16.83
CA ASP A 162 -15.36 -12.21 18.11
C ASP A 162 -15.60 -13.72 18.20
N GLY A 163 -15.90 -14.43 17.11
CA GLY A 163 -16.06 -15.89 17.22
C GLY A 163 -14.80 -16.57 17.68
N ARG A 164 -14.97 -17.72 18.31
CA ARG A 164 -13.85 -18.50 18.90
C ARG A 164 -12.88 -19.00 17.82
N LEU A 165 -13.34 -19.28 16.60
CA LEU A 165 -12.47 -19.79 15.51
C LEU A 165 -12.14 -18.69 14.50
N ASN A 166 -12.36 -17.42 14.85
CA ASN A 166 -11.92 -16.29 14.02
C ASN A 166 -10.70 -15.69 14.73
N LEU A 167 -9.56 -15.80 14.09
CA LEU A 167 -8.29 -15.35 14.73
C LEU A 167 -8.04 -13.86 14.42
N ALA A 168 -8.95 -13.17 13.72
CA ALA A 168 -8.63 -11.81 13.17
C ALA A 168 -8.16 -10.88 14.30
N SER A 169 -8.89 -10.86 15.42
CA SER A 169 -8.67 -9.95 16.58
C SER A 169 -7.48 -10.41 17.44
N ARG A 170 -6.85 -11.54 17.12
CA ARG A 170 -5.97 -12.28 18.04
C ARG A 170 -4.56 -12.38 17.49
N LEU A 171 -4.28 -11.80 16.33
CA LEU A 171 -2.98 -12.08 15.67
C LEU A 171 -2.07 -10.85 15.78
N PRO A 172 -0.75 -11.06 15.89
CA PRO A 172 0.19 -9.94 15.88
C PRO A 172 0.44 -9.48 14.45
N SER A 173 1.29 -8.46 14.34
CA SER A 173 1.55 -7.70 13.10
C SER A 173 2.34 -8.51 12.07
N TYR A 174 2.87 -9.67 12.41
CA TYR A 174 3.42 -10.68 11.49
C TYR A 174 2.34 -11.25 10.56
N PHE A 175 1.06 -10.98 10.80
CA PHE A 175 -0.09 -11.39 9.93
C PHE A 175 -0.80 -10.17 9.38
N VAL A 176 -1.16 -10.23 8.10
CA VAL A 176 -2.01 -9.21 7.45
C VAL A 176 -3.41 -9.39 8.02
N ARG A 177 -3.92 -8.37 8.70
CA ARG A 177 -5.23 -8.39 9.36
C ARG A 177 -6.31 -7.78 8.44
N PRO A 178 -7.52 -8.37 8.35
CA PRO A 178 -8.56 -7.78 7.49
C PRO A 178 -9.10 -6.45 8.05
N ASP A 179 -9.53 -5.54 7.17
CA ASP A 179 -10.21 -4.28 7.57
C ASP A 179 -11.50 -4.71 8.26
N LEU A 180 -12.10 -3.79 9.02
CA LEU A 180 -13.44 -3.98 9.63
C LEU A 180 -14.48 -3.95 8.50
N GLY A 181 -15.41 -4.90 8.54
CA GLY A 181 -16.40 -5.06 7.47
C GLY A 181 -17.78 -4.76 8.06
N PRO A 182 -18.83 -5.22 7.44
CA PRO A 182 -18.75 -5.89 6.12
C PRO A 182 -18.58 -4.92 4.95
N LYS A 183 -18.42 -5.48 3.75
CA LYS A 183 -18.34 -4.75 2.45
C LYS A 183 -19.54 -5.13 1.57
N MET A 184 -20.13 -4.15 0.87
CA MET A 184 -21.24 -4.39 -0.07
C MET A 184 -20.70 -4.42 -1.51
N TYR A 185 -21.28 -5.29 -2.35
CA TYR A 185 -20.96 -5.49 -3.76
C TYR A 185 -22.28 -5.34 -4.50
N ASN A 186 -22.45 -4.19 -5.18
CA ASN A 186 -23.72 -3.78 -5.84
C ASN A 186 -23.42 -3.56 -7.33
N ALA A 187 -24.10 -4.29 -8.19
CA ALA A 187 -23.85 -4.19 -9.66
C ALA A 187 -25.04 -4.73 -10.46
N TYR A 188 -25.25 -4.16 -11.65
CA TYR A 188 -26.30 -4.60 -12.58
C TYR A 188 -25.91 -6.00 -13.13
N GLY A 189 -26.87 -6.71 -13.72
CA GLY A 189 -26.62 -7.97 -14.45
C GLY A 189 -26.05 -7.70 -15.84
N LEU A 190 -25.21 -8.58 -16.31
CA LEU A 190 -24.71 -8.57 -17.70
C LEU A 190 -25.83 -9.16 -18.58
N ILE A 191 -25.95 -8.68 -19.81
CA ILE A 191 -27.19 -8.83 -20.62
C ILE A 191 -26.95 -9.61 -21.92
N THR A 192 -25.99 -9.19 -22.74
CA THR A 192 -25.85 -9.60 -24.16
C THR A 192 -24.96 -10.84 -24.31
N ALA A 193 -24.92 -11.40 -25.54
CA ALA A 193 -24.01 -12.51 -25.92
C ALA A 193 -22.56 -12.05 -25.77
N GLU A 194 -22.23 -10.82 -26.19
CA GLU A 194 -20.87 -10.26 -26.03
C GLU A 194 -20.52 -10.15 -24.54
N ASP A 195 -21.51 -9.79 -23.71
CA ASP A 195 -21.28 -9.61 -22.26
C ASP A 195 -20.87 -10.94 -21.59
N ARG A 196 -21.05 -12.10 -22.24
CA ARG A 196 -20.76 -13.43 -21.62
C ARG A 196 -19.27 -13.55 -21.28
N ARG A 197 -18.39 -12.86 -22.00
CA ARG A 197 -16.91 -12.89 -21.81
C ARG A 197 -16.41 -11.84 -20.81
N VAL A 198 -17.29 -11.08 -20.17
CA VAL A 198 -16.93 -9.93 -19.30
C VAL A 198 -17.18 -10.37 -17.85
N GLY A 199 -16.36 -9.87 -16.93
CA GLY A 199 -16.59 -10.04 -15.48
C GLY A 199 -17.44 -8.91 -14.94
N THR A 200 -18.20 -9.21 -13.89
CA THR A 200 -18.63 -8.18 -12.92
C THR A 200 -17.36 -7.81 -12.13
N THR A 201 -16.66 -8.83 -11.62
CA THR A 201 -15.35 -8.69 -10.95
C THR A 201 -14.37 -9.70 -11.57
N ASN A 202 -13.23 -9.20 -12.03
CA ASN A 202 -12.17 -10.00 -12.69
C ASN A 202 -11.49 -10.91 -11.66
N LEU A 203 -10.70 -11.89 -12.12
CA LEU A 203 -10.03 -12.89 -11.25
C LEU A 203 -9.06 -12.19 -10.29
N HIS A 204 -9.14 -12.54 -8.99
CA HIS A 204 -8.28 -12.00 -7.93
C HIS A 204 -8.21 -12.98 -6.78
N LEU A 205 -7.40 -12.68 -5.77
CA LEU A 205 -7.45 -13.48 -4.53
C LEU A 205 -7.33 -12.55 -3.32
N ASP A 206 -7.74 -13.03 -2.15
CA ASP A 206 -7.85 -12.32 -0.84
C ASP A 206 -7.06 -13.14 0.20
N VAL A 207 -6.19 -12.51 1.03
CA VAL A 207 -5.33 -13.26 1.99
C VAL A 207 -6.08 -13.70 3.25
N SER A 208 -7.31 -13.20 3.47
N SER A 208 -7.31 -13.21 3.46
CA SER A 208 -8.25 -13.68 4.53
CA SER A 208 -8.25 -13.65 4.51
C SER A 208 -9.37 -14.51 3.90
C SER A 208 -9.29 -14.59 3.89
N ASP A 209 -10.00 -15.36 4.72
CA ASP A 209 -11.23 -16.03 4.32
C ASP A 209 -12.36 -14.99 4.18
N ALA A 210 -13.45 -15.31 3.49
CA ALA A 210 -14.66 -14.47 3.46
C ALA A 210 -15.92 -15.29 3.30
N VAL A 211 -17.02 -14.77 3.81
CA VAL A 211 -18.40 -15.27 3.52
C VAL A 211 -19.16 -14.17 2.75
N ASN A 212 -19.71 -14.49 1.58
CA ASN A 212 -20.40 -13.54 0.70
C ASN A 212 -21.88 -13.97 0.63
N VAL A 213 -22.80 -13.09 1.08
CA VAL A 213 -24.25 -13.40 1.14
C VAL A 213 -25.02 -12.62 0.04
N MET A 214 -25.84 -13.32 -0.72
CA MET A 214 -26.75 -12.74 -1.76
C MET A 214 -28.03 -12.30 -1.02
N VAL A 215 -28.20 -10.98 -0.78
CA VAL A 215 -29.34 -10.46 0.07
C VAL A 215 -30.48 -9.98 -0.83
N TYR A 216 -30.25 -9.75 -2.13
CA TYR A 216 -31.31 -9.30 -3.08
C TYR A 216 -30.91 -9.58 -4.52
N VAL A 217 -31.84 -10.08 -5.34
CA VAL A 217 -31.71 -10.26 -6.80
C VAL A 217 -32.87 -9.51 -7.49
N GLY A 218 -32.48 -8.62 -8.39
CA GLY A 218 -33.40 -7.76 -9.15
C GLY A 218 -33.49 -8.26 -10.55
N ILE A 219 -34.65 -8.78 -10.91
CA ILE A 219 -34.92 -9.25 -12.29
C ILE A 219 -35.68 -8.16 -13.02
N PRO A 220 -35.03 -7.44 -13.96
CA PRO A 220 -35.56 -6.18 -14.48
C PRO A 220 -36.84 -6.26 -15.32
N ILE A 221 -37.30 -5.10 -15.78
CA ILE A 221 -38.50 -4.92 -16.65
C ILE A 221 -38.25 -3.74 -17.61
N GLY A 222 -39.04 -3.67 -18.69
CA GLY A 222 -38.81 -2.77 -19.85
C GLY A 222 -38.09 -3.52 -20.96
N GLU A 223 -36.96 -4.13 -20.62
CA GLU A 223 -36.26 -5.17 -21.42
C GLU A 223 -36.35 -6.49 -20.65
N GLY A 224 -37.58 -6.90 -20.33
CA GLY A 224 -37.90 -8.12 -19.56
C GLY A 224 -38.25 -9.29 -20.46
N ALA A 225 -37.29 -10.18 -20.69
CA ALA A 225 -37.38 -11.39 -21.54
C ALA A 225 -35.95 -11.90 -21.79
N HIS A 226 -34.99 -11.35 -21.05
CA HIS A 226 -33.53 -11.60 -21.15
C HIS A 226 -33.18 -12.90 -20.42
N ASP A 227 -34.10 -13.88 -20.41
CA ASP A 227 -34.05 -15.10 -19.58
C ASP A 227 -33.28 -16.21 -20.33
N GLU A 228 -33.38 -16.25 -21.66
CA GLU A 228 -32.77 -17.32 -22.51
C GLU A 228 -31.24 -17.18 -22.50
N GLU A 229 -30.73 -15.94 -22.57
CA GLU A 229 -29.26 -15.67 -22.55
C GLU A 229 -28.67 -16.06 -21.16
N VAL A 230 -29.44 -15.89 -20.08
CA VAL A 230 -29.05 -16.36 -18.69
C VAL A 230 -28.84 -17.88 -18.69
N LEU A 231 -29.70 -18.69 -19.33
CA LEU A 231 -29.52 -20.18 -19.40
C LEU A 231 -28.24 -20.59 -20.15
N LYS A 232 -27.97 -19.95 -21.28
N LYS A 232 -27.97 -19.96 -21.29
CA LYS A 232 -26.76 -20.21 -22.11
CA LYS A 232 -26.76 -20.21 -22.11
C LYS A 232 -25.49 -19.84 -21.33
C LYS A 232 -25.49 -19.86 -21.30
N THR A 233 -25.54 -18.79 -20.51
CA THR A 233 -24.39 -18.34 -19.70
C THR A 233 -24.03 -19.40 -18.63
N ILE A 234 -25.05 -19.89 -17.92
CA ILE A 234 -24.93 -20.97 -16.89
C ILE A 234 -24.41 -22.24 -17.56
N ASP A 235 -24.96 -22.58 -18.74
CA ASP A 235 -24.59 -23.85 -19.42
C ASP A 235 -23.12 -23.79 -19.90
N GLU A 236 -22.76 -22.73 -20.60
CA GLU A 236 -21.39 -22.49 -21.11
C GLU A 236 -20.42 -22.22 -19.94
N GLY A 237 -20.94 -21.72 -18.81
CA GLY A 237 -20.14 -21.53 -17.58
C GLY A 237 -19.77 -22.84 -16.90
N ASP A 238 -20.28 -24.00 -17.38
CA ASP A 238 -19.88 -25.35 -16.90
C ASP A 238 -20.64 -25.72 -15.60
N ALA A 239 -21.82 -25.14 -15.35
CA ALA A 239 -22.68 -25.44 -14.18
C ALA A 239 -23.13 -26.91 -14.25
N ASP A 240 -23.14 -27.61 -13.11
CA ASP A 240 -23.49 -29.06 -13.04
C ASP A 240 -25.00 -29.22 -13.25
N GLU A 241 -25.45 -30.46 -13.52
CA GLU A 241 -26.88 -30.75 -13.84
C GLU A 241 -27.74 -30.53 -12.60
N VAL A 242 -27.23 -30.80 -11.41
CA VAL A 242 -28.04 -30.60 -10.17
C VAL A 242 -28.28 -29.08 -9.98
N THR A 243 -27.28 -28.24 -10.22
CA THR A 243 -27.44 -26.76 -10.11
C THR A 243 -28.52 -26.32 -11.10
N LYS A 244 -28.58 -26.94 -12.28
CA LYS A 244 -29.59 -26.53 -13.30
C LYS A 244 -31.02 -26.85 -12.83
N GLU A 245 -31.19 -27.90 -12.03
CA GLU A 245 -32.52 -28.28 -11.45
C GLU A 245 -33.05 -27.21 -10.47
N ARG A 246 -32.23 -26.37 -9.78
CA ARG A 246 -32.75 -25.35 -8.80
C ARG A 246 -33.59 -24.27 -9.50
N ILE A 247 -33.26 -23.94 -10.75
CA ILE A 247 -34.05 -23.05 -11.67
C ILE A 247 -35.34 -23.75 -12.14
N HIS A 248 -35.19 -24.84 -12.89
CA HIS A 248 -36.28 -25.48 -13.69
C HIS A 248 -37.32 -26.14 -12.77
N ASP A 249 -36.95 -26.55 -11.56
CA ASP A 249 -37.82 -27.39 -10.67
C ASP A 249 -38.30 -26.60 -9.42
N HIS A 250 -37.47 -25.75 -8.80
CA HIS A 250 -37.78 -25.04 -7.52
C HIS A 250 -38.07 -23.53 -7.74
N LYS A 251 -37.83 -23.03 -8.95
CA LYS A 251 -38.00 -21.61 -9.37
C LYS A 251 -37.33 -20.66 -8.36
N GLU A 252 -36.11 -20.96 -7.91
CA GLU A 252 -35.27 -19.98 -7.15
C GLU A 252 -34.69 -18.92 -8.12
N LYS A 253 -34.38 -17.72 -7.62
CA LYS A 253 -33.82 -16.56 -8.37
C LYS A 253 -32.27 -16.64 -8.42
N PRO A 254 -31.64 -16.92 -9.58
CA PRO A 254 -30.17 -16.99 -9.70
C PRO A 254 -29.60 -15.58 -9.79
N GLY A 255 -28.61 -15.27 -8.98
CA GLY A 255 -27.99 -13.94 -8.98
C GLY A 255 -26.73 -13.87 -9.80
N ALA A 256 -25.73 -14.72 -9.48
CA ALA A 256 -24.36 -14.57 -10.04
C ALA A 256 -23.69 -15.93 -10.31
N LEU A 257 -22.89 -15.97 -11.38
CA LEU A 257 -22.03 -17.15 -11.73
C LEU A 257 -20.63 -16.87 -11.22
N TRP A 258 -20.11 -17.73 -10.36
CA TRP A 258 -18.71 -17.68 -9.83
C TRP A 258 -17.86 -18.78 -10.47
N HIS A 259 -16.56 -18.50 -10.63
CA HIS A 259 -15.53 -19.56 -10.78
C HIS A 259 -14.54 -19.37 -9.64
N ILE A 260 -14.30 -20.44 -8.89
CA ILE A 260 -13.31 -20.41 -7.78
C ILE A 260 -12.29 -21.54 -8.07
N TYR A 261 -11.05 -21.26 -7.74
CA TYR A 261 -9.89 -22.18 -7.94
C TYR A 261 -9.18 -22.40 -6.62
N ALA A 262 -8.64 -23.63 -6.38
CA ALA A 262 -7.91 -23.90 -5.12
C ALA A 262 -6.66 -23.02 -5.00
N ALA A 263 -6.32 -22.59 -3.80
CA ALA A 263 -5.16 -21.74 -3.52
C ALA A 263 -3.90 -22.43 -4.08
N LYS A 264 -3.85 -23.75 -4.05
CA LYS A 264 -2.61 -24.48 -4.50
C LYS A 264 -2.38 -24.29 -6.01
N ASP A 265 -3.40 -23.89 -6.79
CA ASP A 265 -3.36 -23.78 -8.27
C ASP A 265 -3.10 -22.33 -8.71
N ALA A 266 -2.89 -21.38 -7.80
CA ALA A 266 -2.74 -19.93 -8.14
C ALA A 266 -1.53 -19.72 -9.07
N GLU A 267 -0.39 -20.39 -8.80
CA GLU A 267 0.81 -20.14 -9.66
C GLU A 267 0.60 -20.69 -11.08
N LYS A 268 0.00 -21.86 -11.26
CA LYS A 268 -0.31 -22.40 -12.61
C LYS A 268 -1.23 -21.44 -13.36
N ILE A 269 -2.20 -20.83 -12.66
CA ILE A 269 -3.06 -19.80 -13.30
C ILE A 269 -2.18 -18.62 -13.73
N ARG A 270 -1.25 -18.15 -12.89
CA ARG A 270 -0.35 -17.02 -13.31
C ARG A 270 0.45 -17.41 -14.59
N GLU A 271 0.91 -18.63 -14.69
CA GLU A 271 1.68 -19.09 -15.88
C GLU A 271 0.80 -19.00 -17.12
N LEU A 272 -0.46 -19.48 -17.06
CA LEU A 272 -1.40 -19.38 -18.20
C LEU A 272 -1.58 -17.89 -18.56
N LEU A 273 -1.84 -17.00 -17.58
CA LEU A 273 -2.17 -15.59 -17.92
C LEU A 273 -0.92 -14.84 -18.44
N ARG A 274 0.28 -15.20 -18.00
CA ARG A 274 1.52 -14.62 -18.60
C ARG A 274 1.65 -15.02 -20.07
N LYS A 275 1.41 -16.28 -20.39
CA LYS A 275 1.48 -16.81 -21.77
C LYS A 275 0.44 -16.09 -22.63
N VAL A 276 -0.80 -16.00 -22.16
CA VAL A 276 -1.84 -15.28 -22.95
C VAL A 276 -1.49 -13.78 -23.05
N GLY A 277 -0.96 -13.13 -22.02
CA GLY A 277 -0.56 -11.71 -22.10
C GLY A 277 0.43 -11.51 -23.24
N GLU A 278 1.37 -12.43 -23.37
CA GLU A 278 2.46 -12.38 -24.39
C GLU A 278 1.83 -12.56 -25.76
N GLU A 279 1.00 -13.59 -25.94
CA GLU A 279 0.33 -13.90 -27.23
C GLU A 279 -0.45 -12.66 -27.70
N GLN A 280 -1.06 -11.92 -26.79
CA GLN A 280 -1.92 -10.75 -27.14
C GLN A 280 -1.06 -9.50 -27.32
N GLY A 281 0.27 -9.61 -27.23
CA GLY A 281 1.20 -8.48 -27.41
C GLY A 281 1.25 -7.56 -26.22
N GLN A 282 0.84 -7.98 -25.01
CA GLN A 282 1.22 -7.22 -23.78
C GLN A 282 2.73 -7.35 -23.60
N GLU A 283 3.38 -6.34 -23.02
CA GLU A 283 4.85 -6.36 -22.83
C GLU A 283 5.11 -6.33 -21.33
N ASN A 284 5.21 -7.51 -20.72
CA ASN A 284 5.19 -7.69 -19.25
C ASN A 284 6.49 -8.33 -18.80
N PRO A 285 7.13 -7.88 -17.69
CA PRO A 285 8.27 -8.59 -17.10
C PRO A 285 7.90 -10.01 -16.68
N PRO A 286 8.83 -10.99 -16.71
CA PRO A 286 8.48 -12.41 -16.58
C PRO A 286 7.88 -12.79 -15.22
N ASP A 287 7.96 -11.87 -14.25
CA ASP A 287 7.60 -12.05 -12.82
C ASP A 287 6.34 -11.25 -12.43
N HIS A 288 5.72 -10.49 -13.35
CA HIS A 288 4.55 -9.66 -12.95
C HIS A 288 3.42 -10.61 -12.55
N ASP A 289 2.47 -10.09 -11.78
CA ASP A 289 1.40 -10.94 -11.14
C ASP A 289 0.06 -10.61 -11.79
N PRO A 290 -0.41 -11.42 -12.78
CA PRO A 290 -1.69 -11.18 -13.49
C PRO A 290 -2.90 -11.39 -12.58
N ILE A 291 -2.77 -12.16 -11.47
CA ILE A 291 -3.90 -12.27 -10.50
C ILE A 291 -3.99 -10.99 -9.66
N HIS A 292 -2.87 -10.48 -9.11
CA HIS A 292 -2.91 -9.25 -8.30
C HIS A 292 -3.40 -8.06 -9.13
N ASP A 293 -3.06 -8.01 -10.41
CA ASP A 293 -3.47 -6.92 -11.34
C ASP A 293 -4.99 -6.83 -11.53
N GLN A 294 -5.73 -7.95 -11.33
CA GLN A 294 -7.21 -7.95 -11.36
C GLN A 294 -7.72 -7.48 -12.74
N SER A 295 -6.98 -7.85 -13.77
CA SER A 295 -7.21 -7.40 -15.15
C SER A 295 -7.82 -8.50 -16.03
N TRP A 296 -7.95 -9.76 -15.57
CA TRP A 296 -8.41 -10.89 -16.42
C TRP A 296 -9.77 -11.44 -15.98
N TYR A 297 -10.60 -11.82 -16.93
CA TYR A 297 -11.80 -12.67 -16.70
C TYR A 297 -11.64 -13.96 -17.52
N LEU A 298 -11.65 -15.14 -16.89
CA LEU A 298 -11.48 -16.40 -17.64
C LEU A 298 -12.80 -16.77 -18.30
N ASP A 299 -12.90 -16.53 -19.60
CA ASP A 299 -14.06 -16.95 -20.42
C ASP A 299 -14.01 -18.47 -20.75
N GLN A 300 -14.97 -18.98 -21.50
CA GLN A 300 -15.07 -20.43 -21.78
C GLN A 300 -13.75 -20.92 -22.43
N THR A 301 -13.17 -20.13 -23.33
CA THR A 301 -11.91 -20.49 -24.04
C THR A 301 -10.76 -20.65 -23.03
N LEU A 302 -10.60 -19.64 -22.17
CA LEU A 302 -9.49 -19.64 -21.17
C LEU A 302 -9.73 -20.76 -20.13
N ARG A 303 -10.98 -21.01 -19.68
CA ARG A 303 -11.20 -22.05 -18.66
C ARG A 303 -10.84 -23.41 -19.25
N LYS A 304 -11.18 -23.65 -20.52
CA LYS A 304 -10.83 -24.96 -21.16
C LYS A 304 -9.30 -25.09 -21.32
N ARG A 305 -8.59 -24.03 -21.73
CA ARG A 305 -7.11 -24.05 -21.84
C ARG A 305 -6.47 -24.31 -20.47
N LEU A 306 -7.04 -23.77 -19.39
CA LEU A 306 -6.46 -23.98 -18.03
C LEU A 306 -6.52 -25.48 -17.70
N TYR A 307 -7.68 -26.09 -17.95
CA TYR A 307 -7.94 -27.53 -17.73
C TYR A 307 -6.95 -28.34 -18.61
N GLU A 308 -6.97 -28.10 -19.92
CA GLU A 308 -6.30 -28.99 -20.92
C GLU A 308 -4.77 -28.83 -20.81
N GLU A 309 -4.25 -27.61 -20.74
CA GLU A 309 -2.80 -27.28 -20.86
C GLU A 309 -2.10 -27.36 -19.48
N TYR A 310 -2.83 -27.11 -18.39
CA TYR A 310 -2.20 -26.94 -17.05
C TYR A 310 -2.79 -27.95 -16.04
N GLY A 311 -3.81 -28.71 -16.39
CA GLY A 311 -4.40 -29.72 -15.50
C GLY A 311 -5.17 -29.16 -14.30
N VAL A 312 -5.72 -27.94 -14.45
CA VAL A 312 -6.40 -27.23 -13.30
C VAL A 312 -7.93 -27.23 -13.49
N GLN A 313 -8.64 -27.75 -12.49
CA GLN A 313 -10.13 -27.77 -12.48
C GLN A 313 -10.54 -26.76 -11.38
N GLY A 314 -11.62 -26.05 -11.64
CA GLY A 314 -12.21 -25.15 -10.62
C GLY A 314 -13.59 -25.61 -10.20
N TRP A 315 -14.29 -24.75 -9.49
CA TRP A 315 -15.68 -24.92 -9.06
C TRP A 315 -16.51 -23.82 -9.76
N ALA A 316 -17.47 -24.21 -10.59
CA ALA A 316 -18.47 -23.29 -11.20
C ALA A 316 -19.69 -23.25 -10.27
N ILE A 317 -19.99 -22.10 -9.64
CA ILE A 317 -21.02 -21.98 -8.59
C ILE A 317 -22.04 -20.92 -9.06
N VAL A 318 -23.32 -21.29 -9.01
CA VAL A 318 -24.41 -20.30 -9.21
C VAL A 318 -24.95 -19.93 -7.84
N GLN A 319 -24.80 -18.64 -7.49
CA GLN A 319 -25.21 -18.11 -6.17
C GLN A 319 -26.65 -17.56 -6.33
N PHE A 320 -27.65 -18.22 -5.75
CA PHE A 320 -29.07 -17.79 -5.75
C PHE A 320 -29.33 -16.81 -4.61
N LEU A 321 -30.50 -16.11 -4.63
CA LEU A 321 -30.96 -15.34 -3.45
C LEU A 321 -30.86 -16.18 -2.16
N GLY A 322 -30.20 -15.62 -1.16
CA GLY A 322 -29.99 -16.16 0.19
C GLY A 322 -28.86 -17.18 0.24
N ASP A 323 -28.13 -17.39 -0.84
CA ASP A 323 -26.92 -18.30 -0.74
C ASP A 323 -25.72 -17.54 -0.16
N ALA A 324 -25.01 -18.14 0.80
CA ALA A 324 -23.73 -17.67 1.36
C ALA A 324 -22.59 -18.48 0.74
N VAL A 325 -21.68 -17.84 0.03
CA VAL A 325 -20.46 -18.51 -0.55
C VAL A 325 -19.30 -18.27 0.39
N PHE A 326 -18.66 -19.34 0.88
CA PHE A 326 -17.44 -19.35 1.72
C PHE A 326 -16.23 -19.48 0.78
N ILE A 327 -15.37 -18.46 0.77
CA ILE A 327 -14.20 -18.36 -0.16
C ILE A 327 -12.93 -18.57 0.66
N PRO A 328 -12.19 -19.69 0.46
CA PRO A 328 -10.97 -19.92 1.22
C PRO A 328 -9.85 -18.89 0.92
N ALA A 329 -9.15 -18.45 1.97
CA ALA A 329 -7.96 -17.59 1.81
C ALA A 329 -7.03 -18.13 0.73
N GLY A 330 -6.56 -17.23 -0.15
CA GLY A 330 -5.63 -17.59 -1.23
C GLY A 330 -6.28 -18.18 -2.47
N ALA A 331 -7.59 -18.48 -2.46
CA ALA A 331 -8.24 -19.09 -3.62
C ALA A 331 -8.61 -18.05 -4.66
N PRO A 332 -8.06 -18.08 -5.89
CA PRO A 332 -8.48 -17.17 -6.97
C PRO A 332 -9.97 -17.30 -7.30
N HIS A 333 -10.68 -16.18 -7.48
CA HIS A 333 -12.14 -16.21 -7.79
C HIS A 333 -12.51 -15.01 -8.69
N GLN A 334 -13.51 -15.23 -9.50
CA GLN A 334 -14.14 -14.24 -10.43
C GLN A 334 -15.66 -14.39 -10.32
N VAL A 335 -16.40 -13.29 -10.61
CA VAL A 335 -17.87 -13.17 -10.43
C VAL A 335 -18.45 -12.53 -11.71
N HIS A 336 -19.54 -13.10 -12.21
CA HIS A 336 -20.30 -12.63 -13.41
C HIS A 336 -21.79 -12.55 -13.01
N ASN A 337 -22.34 -11.34 -12.74
CA ASN A 337 -23.75 -11.21 -12.33
C ASN A 337 -24.67 -11.55 -13.51
N LEU A 338 -25.67 -12.38 -13.23
CA LEU A 338 -26.67 -12.83 -14.23
C LEU A 338 -27.81 -11.82 -14.22
N TYR A 339 -28.23 -11.39 -13.03
CA TYR A 339 -29.23 -10.30 -12.86
C TYR A 339 -28.60 -9.24 -11.95
N SER A 340 -29.31 -8.13 -11.68
CA SER A 340 -28.82 -7.12 -10.72
C SER A 340 -28.73 -7.70 -9.32
N CYS A 341 -27.60 -7.48 -8.63
CA CYS A 341 -27.31 -8.14 -7.33
C CYS A 341 -26.93 -7.13 -6.26
N ILE A 342 -27.39 -7.39 -5.04
CA ILE A 342 -26.86 -6.80 -3.78
C ILE A 342 -26.23 -7.95 -2.98
N LYS A 343 -24.92 -7.90 -2.77
CA LYS A 343 -24.21 -8.91 -1.96
C LYS A 343 -23.51 -8.21 -0.79
N VAL A 344 -23.41 -8.88 0.37
CA VAL A 344 -22.70 -8.34 1.54
C VAL A 344 -21.75 -9.43 2.04
N ALA A 345 -20.49 -9.06 2.24
CA ALA A 345 -19.43 -10.02 2.61
C ALA A 345 -18.75 -9.61 3.91
N GLU A 346 -18.36 -10.59 4.71
CA GLU A 346 -17.55 -10.38 5.94
C GLU A 346 -16.24 -11.17 5.82
N ASP A 347 -15.11 -10.56 6.10
CA ASP A 347 -13.81 -11.25 6.18
C ASP A 347 -13.63 -11.91 7.57
N PHE A 348 -12.87 -12.98 7.61
CA PHE A 348 -12.51 -13.69 8.88
C PHE A 348 -11.20 -14.42 8.64
N VAL A 349 -10.54 -14.87 9.71
CA VAL A 349 -9.26 -15.63 9.64
C VAL A 349 -9.41 -16.96 10.38
N SER A 350 -9.74 -18.02 9.66
CA SER A 350 -9.87 -19.36 10.27
C SER A 350 -8.48 -19.94 10.60
N PRO A 351 -8.38 -20.80 11.62
CA PRO A 351 -7.09 -21.44 11.89
C PRO A 351 -6.63 -22.32 10.73
N GLU A 352 -7.57 -22.93 9.98
CA GLU A 352 -7.26 -23.83 8.84
C GLU A 352 -6.43 -23.11 7.77
N HIS A 353 -6.58 -21.80 7.61
CA HIS A 353 -5.99 -21.08 6.44
C HIS A 353 -5.11 -19.88 6.88
N VAL A 354 -4.77 -19.81 8.14
CA VAL A 354 -3.95 -18.67 8.66
C VAL A 354 -2.62 -18.54 7.89
N LYS A 355 -1.97 -19.61 7.42
CA LYS A 355 -0.68 -19.50 6.66
C LYS A 355 -0.78 -18.47 5.53
N HIS A 356 -1.97 -18.22 4.96
CA HIS A 356 -2.09 -17.39 3.73
C HIS A 356 -1.86 -15.91 4.05
N CYS A 357 -1.98 -15.46 5.31
CA CYS A 357 -1.79 -14.03 5.68
C CYS A 357 -0.47 -13.84 6.47
N PHE A 358 0.35 -14.85 6.64
CA PHE A 358 1.65 -14.70 7.35
C PHE A 358 2.67 -13.92 6.43
N ARG A 359 3.42 -12.98 7.01
CA ARG A 359 4.29 -12.04 6.25
C ARG A 359 5.70 -12.62 6.09
N LEU A 360 6.05 -13.82 6.60
CA LEU A 360 7.41 -14.40 6.37
C LEU A 360 7.39 -15.71 5.57
N THR A 361 8.58 -16.21 5.20
CA THR A 361 8.90 -17.38 4.33
C THR A 361 7.79 -17.59 3.30
N MET B 23 45.14 25.75 0.53
CA MET B 23 45.71 24.41 0.24
C MET B 23 44.79 23.32 0.85
N THR B 24 43.75 23.73 1.57
CA THR B 24 42.71 22.78 2.05
C THR B 24 42.21 21.94 0.86
N SER B 25 42.27 20.62 0.98
CA SER B 25 41.74 19.69 -0.06
C SER B 25 40.23 19.88 -0.23
N HIS B 26 39.81 20.24 -1.44
CA HIS B 26 38.39 20.48 -1.79
C HIS B 26 38.15 20.38 -3.30
N SER B 27 36.88 20.24 -3.68
CA SER B 27 36.40 20.29 -5.09
C SER B 27 34.97 20.82 -5.09
N TRP B 28 34.39 21.08 -6.26
CA TRP B 28 33.08 21.74 -6.42
C TRP B 28 32.21 20.79 -7.25
N LEU B 29 31.10 20.30 -6.71
CA LEU B 29 30.16 19.42 -7.46
C LEU B 29 28.88 20.18 -7.80
N CYS B 30 27.84 19.50 -8.36
CA CYS B 30 26.59 20.16 -8.76
C CYS B 30 26.95 21.35 -9.67
N ASP B 31 27.86 21.11 -10.62
CA ASP B 31 28.29 22.07 -11.68
C ASP B 31 28.83 23.35 -11.01
N GLY B 32 29.70 23.22 -10.00
CA GLY B 32 30.36 24.34 -9.27
C GLY B 32 29.61 24.88 -8.04
N ARG B 33 28.40 24.40 -7.71
CA ARG B 33 27.50 25.04 -6.69
C ARG B 33 27.53 24.32 -5.32
N LEU B 34 28.28 23.22 -5.21
CA LEU B 34 28.38 22.45 -3.92
C LEU B 34 29.84 22.29 -3.52
N LEU B 35 30.25 22.90 -2.38
CA LEU B 35 31.57 22.64 -1.80
C LEU B 35 31.67 21.20 -1.29
N CYS B 36 32.76 20.49 -1.64
CA CYS B 36 33.09 19.14 -1.14
C CYS B 36 34.46 19.22 -0.50
N LEU B 37 34.54 19.13 0.83
CA LEU B 37 35.83 19.09 1.58
C LEU B 37 36.26 17.64 1.75
N HIS B 38 37.53 17.28 1.49
CA HIS B 38 37.99 15.87 1.38
C HIS B 38 38.84 15.38 2.56
N ASP B 39 39.27 16.26 3.46
CA ASP B 39 39.93 15.81 4.73
C ASP B 39 39.09 16.19 5.95
N PRO B 40 38.37 15.24 6.59
CA PRO B 40 37.45 15.60 7.68
C PRO B 40 38.10 16.18 8.95
N SER B 41 39.41 15.98 9.16
CA SER B 41 40.10 16.44 10.38
C SER B 41 41.02 17.64 10.08
N ASN B 42 40.93 18.27 8.90
CA ASN B 42 41.75 19.48 8.62
C ASN B 42 41.22 20.68 9.42
N LYS B 43 42.02 21.30 10.29
CA LYS B 43 41.61 22.39 11.20
C LYS B 43 41.30 23.68 10.43
N ASN B 44 41.64 23.78 9.14
CA ASN B 44 41.35 24.95 8.27
C ASN B 44 40.05 24.78 7.43
N ASN B 45 39.30 23.68 7.60
CA ASN B 45 38.04 23.45 6.82
C ASN B 45 37.09 24.65 6.90
N TRP B 46 37.00 25.32 8.07
CA TRP B 46 36.05 26.42 8.32
C TRP B 46 36.26 27.58 7.32
N LYS B 47 37.45 27.75 6.79
CA LYS B 47 37.82 28.95 5.98
C LYS B 47 36.96 29.05 4.70
N ILE B 48 36.83 27.98 3.93
CA ILE B 48 36.01 28.01 2.66
C ILE B 48 34.52 27.68 2.96
N PHE B 49 34.30 26.89 4.02
CA PHE B 49 32.93 26.55 4.49
C PHE B 49 32.13 27.82 4.79
N ARG B 50 32.75 28.81 5.49
CA ARG B 50 32.04 30.03 6.04
C ARG B 50 31.15 30.71 4.98
N GLU B 51 31.71 31.09 3.80
CA GLU B 51 30.91 31.85 2.81
C GLU B 51 29.83 30.98 2.19
N CYS B 52 30.08 29.68 1.95
CA CYS B 52 29.01 28.81 1.39
C CYS B 52 27.83 28.74 2.40
N TRP B 53 28.15 28.57 3.66
CA TRP B 53 27.13 28.46 4.75
C TRP B 53 26.41 29.78 4.94
N LYS B 54 27.11 30.92 4.84
CA LYS B 54 26.45 32.24 4.95
C LYS B 54 25.42 32.42 3.82
N GLN B 55 25.71 31.97 2.61
CA GLN B 55 24.87 32.09 1.41
C GLN B 55 23.73 31.05 1.45
N GLY B 56 23.61 30.25 2.51
CA GLY B 56 22.54 29.26 2.69
C GLY B 56 22.69 27.96 1.89
N GLN B 57 23.90 27.60 1.50
CA GLN B 57 24.18 26.37 0.73
C GLN B 57 24.43 25.20 1.67
N PRO B 58 24.00 23.98 1.28
CA PRO B 58 24.54 22.78 1.88
C PRO B 58 26.03 22.64 1.52
N VAL B 59 26.76 21.87 2.30
CA VAL B 59 28.18 21.52 2.12
C VAL B 59 28.34 20.01 2.36
N LEU B 60 29.25 19.35 1.65
CA LEU B 60 29.56 17.91 1.88
C LEU B 60 31.00 17.76 2.38
N VAL B 61 31.24 16.87 3.33
CA VAL B 61 32.60 16.52 3.79
C VAL B 61 32.74 15.01 3.65
N SER B 62 33.71 14.55 2.86
CA SER B 62 33.93 13.11 2.61
C SER B 62 34.96 12.52 3.57
N GLY B 63 35.00 11.18 3.68
CA GLY B 63 36.07 10.48 4.41
C GLY B 63 35.79 10.14 5.88
N VAL B 64 34.59 10.44 6.42
CA VAL B 64 34.34 10.28 7.89
C VAL B 64 34.41 8.79 8.27
N HIS B 65 34.06 7.88 7.37
CA HIS B 65 34.05 6.42 7.61
C HIS B 65 35.44 5.91 7.98
N LYS B 66 36.45 6.53 7.38
CA LYS B 66 37.87 6.20 7.67
C LYS B 66 38.27 6.54 9.10
N LYS B 67 37.56 7.45 9.78
CA LYS B 67 37.82 7.89 11.17
C LYS B 67 37.09 7.03 12.21
N LEU B 68 36.07 6.26 11.82
CA LEU B 68 35.19 5.49 12.77
C LEU B 68 35.76 4.06 12.97
N LYS B 69 35.29 3.40 14.04
CA LYS B 69 35.44 1.93 14.27
C LYS B 69 34.39 1.15 13.45
N SER B 70 34.77 0.68 12.27
CA SER B 70 33.82 0.10 11.27
C SER B 70 33.01 -1.07 11.87
N GLU B 71 33.56 -1.84 12.80
CA GLU B 71 32.86 -3.00 13.43
C GLU B 71 31.67 -2.54 14.29
N LEU B 72 31.60 -1.28 14.73
CA LEU B 72 30.45 -0.76 15.52
C LEU B 72 29.24 -0.48 14.60
N TRP B 73 29.42 -0.25 13.30
CA TRP B 73 28.38 0.32 12.42
C TRP B 73 27.86 -0.72 11.42
N LYS B 74 27.77 -2.00 11.82
CA LYS B 74 27.42 -3.10 10.88
C LYS B 74 26.03 -3.61 11.23
N PRO B 75 25.17 -3.92 10.24
CA PRO B 75 23.82 -4.42 10.52
C PRO B 75 23.82 -5.66 11.44
N GLU B 76 24.79 -6.59 11.26
CA GLU B 76 24.86 -7.84 12.08
C GLU B 76 25.12 -7.52 13.56
N ALA B 77 25.90 -6.48 13.87
CA ALA B 77 26.19 -6.07 15.25
C ALA B 77 24.93 -5.50 15.91
N PHE B 78 24.15 -4.66 15.22
CA PHE B 78 22.90 -4.10 15.80
C PHE B 78 21.94 -5.26 16.10
N SER B 79 21.86 -6.26 15.22
CA SER B 79 20.98 -7.44 15.39
C SER B 79 21.41 -8.27 16.61
N GLN B 80 22.70 -8.62 16.73
CA GLN B 80 23.21 -9.45 17.85
C GLN B 80 23.04 -8.68 19.17
N GLU B 81 23.28 -7.37 19.23
CA GLU B 81 23.28 -6.61 20.50
C GLU B 81 21.87 -6.24 20.93
N PHE B 82 20.93 -5.98 20.01
CA PHE B 82 19.65 -5.29 20.33
C PHE B 82 18.45 -6.02 19.71
N GLY B 83 18.63 -7.20 19.14
CA GLY B 83 17.63 -7.82 18.21
C GLY B 83 16.35 -8.32 18.89
N ASP B 84 16.34 -8.50 20.23
CA ASP B 84 15.10 -9.00 20.92
C ASP B 84 14.28 -7.83 21.45
N GLN B 85 14.63 -6.57 21.15
CA GLN B 85 13.78 -5.40 21.48
C GLN B 85 12.55 -5.36 20.55
N ASP B 86 11.45 -4.86 21.07
CA ASP B 86 10.21 -4.66 20.27
C ASP B 86 10.27 -3.29 19.64
N VAL B 87 9.76 -3.16 18.42
CA VAL B 87 9.83 -1.88 17.67
C VAL B 87 8.71 -1.77 16.63
N ASP B 88 8.39 -0.55 16.19
CA ASP B 88 7.52 -0.31 15.00
C ASP B 88 8.40 -0.05 13.76
N LEU B 89 7.93 -0.53 12.60
CA LEU B 89 8.50 -0.25 11.26
C LEU B 89 7.49 0.53 10.43
N VAL B 90 7.99 1.21 9.38
CA VAL B 90 7.15 1.94 8.40
C VAL B 90 7.41 1.37 7.01
N ASN B 91 6.33 1.06 6.29
CA ASN B 91 6.36 0.62 4.87
C ASN B 91 6.48 1.89 4.02
N CYS B 92 7.64 2.11 3.38
CA CYS B 92 7.97 3.34 2.63
C CYS B 92 7.00 3.52 1.44
N ARG B 93 6.45 2.43 0.87
CA ARG B 93 5.57 2.53 -0.33
C ARG B 93 4.20 3.11 0.01
N ASN B 94 3.65 2.85 1.20
CA ASN B 94 2.27 3.26 1.53
C ASN B 94 2.17 3.97 2.90
N CYS B 95 3.28 4.21 3.60
CA CYS B 95 3.33 4.90 4.92
C CYS B 95 2.65 4.08 6.03
N ALA B 96 2.33 2.80 5.83
CA ALA B 96 1.65 1.97 6.85
C ALA B 96 2.63 1.63 7.99
N ILE B 97 2.13 1.59 9.22
CA ILE B 97 2.94 1.21 10.42
C ILE B 97 2.76 -0.29 10.64
N ILE B 98 3.86 -1.02 10.73
CA ILE B 98 3.91 -2.45 11.16
C ILE B 98 4.33 -2.43 12.64
N SER B 99 3.36 -2.61 13.57
CA SER B 99 3.60 -2.37 15.02
C SER B 99 4.11 -3.62 15.74
N ASP B 100 5.05 -3.39 16.65
CA ASP B 100 5.42 -4.39 17.68
C ASP B 100 6.00 -5.65 17.05
N VAL B 101 6.98 -5.51 16.16
CA VAL B 101 7.83 -6.63 15.70
C VAL B 101 9.21 -6.51 16.37
N LYS B 102 10.12 -7.43 16.07
CA LYS B 102 11.46 -7.48 16.70
C LYS B 102 12.46 -6.65 15.88
N VAL B 103 13.37 -5.96 16.57
CA VAL B 103 14.50 -5.22 15.91
C VAL B 103 15.26 -6.19 14.99
N ARG B 104 15.43 -7.49 15.33
CA ARG B 104 16.14 -8.45 14.43
C ARG B 104 15.38 -8.69 13.12
N ASP B 105 14.04 -8.50 13.08
CA ASP B 105 13.30 -8.75 11.82
C ASP B 105 13.61 -7.60 10.82
N PHE B 106 13.95 -6.40 11.30
CA PHE B 106 14.44 -5.31 10.39
C PHE B 106 15.86 -5.66 9.92
N TRP B 107 16.78 -5.90 10.85
CA TRP B 107 18.23 -5.99 10.50
C TRP B 107 18.50 -7.26 9.69
N ASP B 108 17.81 -8.38 9.92
CA ASP B 108 18.19 -9.64 9.23
C ASP B 108 17.78 -9.59 7.75
N GLY B 109 16.89 -8.68 7.34
CA GLY B 109 16.50 -8.42 5.95
C GLY B 109 17.28 -7.24 5.32
N PHE B 110 18.21 -6.63 6.05
CA PHE B 110 18.83 -5.37 5.54
C PHE B 110 19.45 -5.57 4.14
N GLU B 111 20.11 -6.71 3.94
CA GLU B 111 20.80 -7.04 2.66
C GLU B 111 20.31 -8.35 2.03
N ILE B 112 19.60 -9.20 2.78
CA ILE B 112 18.99 -10.47 2.25
C ILE B 112 17.49 -10.26 2.00
N ILE B 113 17.10 -10.08 0.75
CA ILE B 113 15.73 -9.65 0.36
C ILE B 113 14.71 -10.75 0.72
N CYS B 114 15.07 -12.03 0.58
CA CYS B 114 14.13 -13.17 0.83
C CYS B 114 13.76 -13.25 2.34
N LYS B 115 14.52 -12.61 3.24
CA LYS B 115 14.28 -12.62 4.71
C LYS B 115 13.36 -11.46 5.12
N ARG B 116 12.98 -10.58 4.21
CA ARG B 116 12.17 -9.39 4.57
C ARG B 116 10.71 -9.76 4.86
N LEU B 117 10.07 -9.00 5.76
CA LEU B 117 8.61 -8.99 5.94
C LEU B 117 7.92 -8.61 4.61
N ARG B 118 6.87 -9.33 4.23
CA ARG B 118 6.08 -9.12 2.97
C ARG B 118 4.77 -8.36 3.18
N SER B 119 4.30 -7.71 2.11
CA SER B 119 2.99 -7.01 2.05
C SER B 119 1.92 -8.02 1.56
N GLU B 120 0.68 -7.57 1.50
CA GLU B 120 -0.55 -8.32 1.08
C GLU B 120 -0.29 -9.01 -0.28
N ASP B 121 0.48 -8.37 -1.17
CA ASP B 121 0.77 -8.85 -2.55
C ASP B 121 1.87 -9.91 -2.59
N GLY B 122 2.38 -10.39 -1.43
CA GLY B 122 3.50 -11.34 -1.39
C GLY B 122 4.86 -10.75 -1.74
N GLN B 123 4.96 -9.43 -1.95
CA GLN B 123 6.27 -8.78 -2.26
C GLN B 123 7.03 -8.41 -0.97
N PRO B 124 8.38 -8.52 -0.96
CA PRO B 124 9.20 -8.02 0.13
C PRO B 124 8.99 -6.50 0.26
N MET B 125 8.85 -6.02 1.49
CA MET B 125 8.57 -4.59 1.76
C MET B 125 9.92 -3.83 1.81
N VAL B 126 9.83 -2.57 1.44
CA VAL B 126 10.89 -1.55 1.69
C VAL B 126 10.53 -0.87 3.00
N LEU B 127 11.32 -1.12 4.03
CA LEU B 127 10.99 -0.75 5.42
C LEU B 127 12.00 0.26 5.99
N LYS B 128 11.55 1.10 6.92
CA LYS B 128 12.44 1.90 7.80
C LYS B 128 12.10 1.61 9.27
N LEU B 129 13.10 1.70 10.13
CA LEU B 129 12.93 1.55 11.58
C LEU B 129 12.43 2.88 12.10
N LYS B 130 11.36 2.89 12.89
CA LYS B 130 10.78 4.13 13.48
C LYS B 130 11.28 4.34 14.92
N ASP B 131 11.74 5.57 15.22
CA ASP B 131 11.99 6.04 16.61
C ASP B 131 12.90 5.03 17.32
N TRP B 132 14.07 4.72 16.78
CA TRP B 132 15.00 3.74 17.40
C TRP B 132 16.44 4.24 17.32
N PRO B 133 17.22 4.24 18.42
CA PRO B 133 16.73 4.08 19.79
C PRO B 133 15.62 5.06 20.15
N PRO B 134 14.64 4.68 21.03
CA PRO B 134 13.48 5.52 21.36
C PRO B 134 13.85 6.83 22.06
N GLY B 135 13.23 7.92 21.63
CA GLY B 135 13.40 9.27 22.21
C GLY B 135 14.85 9.71 22.21
N GLU B 136 15.43 9.91 23.39
CA GLU B 136 16.81 10.42 23.61
C GLU B 136 17.64 9.28 24.22
N ASP B 137 17.26 8.02 23.99
CA ASP B 137 17.95 6.84 24.58
C ASP B 137 19.28 6.51 23.86
N PHE B 138 19.71 7.25 22.82
CA PHE B 138 20.86 6.86 21.96
C PHE B 138 22.14 6.84 22.80
N ARG B 139 22.43 7.93 23.52
CA ARG B 139 23.56 7.99 24.48
C ARG B 139 23.50 6.82 25.49
N ASP B 140 22.36 6.59 26.14
CA ASP B 140 22.20 5.57 27.21
C ASP B 140 22.24 4.16 26.61
N MET B 141 21.57 3.93 25.48
CA MET B 141 21.52 2.57 24.90
C MET B 141 22.85 2.21 24.23
N MET B 142 23.54 3.21 23.62
CA MET B 142 24.70 2.96 22.71
C MET B 142 25.87 3.89 23.05
N PRO B 143 26.44 3.82 24.28
CA PRO B 143 27.47 4.78 24.70
C PRO B 143 28.76 4.75 23.87
N THR B 144 29.24 3.58 23.42
CA THR B 144 30.51 3.47 22.64
C THR B 144 30.30 4.06 21.23
N ARG B 145 29.13 3.83 20.62
CA ARG B 145 28.76 4.47 19.31
C ARG B 145 28.60 5.99 19.45
N PHE B 146 27.98 6.49 20.51
CA PHE B 146 27.92 7.95 20.81
C PHE B 146 29.34 8.54 20.81
N GLU B 147 30.29 7.93 21.53
CA GLU B 147 31.70 8.43 21.66
C GLU B 147 32.37 8.37 20.27
N ASP B 148 32.22 7.27 19.54
CA ASP B 148 32.85 7.07 18.19
C ASP B 148 32.35 8.17 17.23
N LEU B 149 31.05 8.47 17.23
CA LEU B 149 30.50 9.52 16.32
C LEU B 149 30.97 10.94 16.73
N MET B 150 30.85 11.37 17.99
CA MET B 150 31.14 12.78 18.40
C MET B 150 32.61 13.12 18.28
N GLU B 151 33.53 12.20 18.60
CA GLU B 151 34.98 12.44 18.50
C GLU B 151 35.35 12.63 17.02
N ASN B 152 34.50 12.20 16.06
CA ASN B 152 34.97 12.16 14.67
C ASN B 152 34.09 13.01 13.74
N LEU B 153 33.15 13.77 14.28
CA LEU B 153 32.28 14.70 13.47
C LEU B 153 33.14 15.81 12.87
N PRO B 154 32.96 16.13 11.58
CA PRO B 154 33.69 17.21 10.94
C PRO B 154 33.17 18.56 11.43
N LEU B 155 33.96 19.60 11.17
CA LEU B 155 33.66 20.99 11.60
C LEU B 155 33.26 20.97 13.07
N PRO B 156 34.10 20.44 13.97
CA PRO B 156 33.74 20.24 15.35
C PRO B 156 33.48 21.55 16.13
N GLU B 157 34.08 22.70 15.77
CA GLU B 157 33.73 23.97 16.46
C GLU B 157 32.26 24.30 16.22
N TYR B 158 31.64 23.77 15.15
CA TYR B 158 30.22 24.02 14.80
C TYR B 158 29.34 22.90 15.37
N THR B 159 29.82 21.66 15.32
CA THR B 159 28.92 20.46 15.47
C THR B 159 28.96 19.82 16.87
N LYS B 160 30.03 19.98 17.66
CA LYS B 160 30.09 19.36 19.03
C LYS B 160 29.38 20.26 20.06
N ARG B 161 28.87 19.68 21.17
N ARG B 161 28.90 19.68 21.16
CA ARG B 161 28.11 20.45 22.21
CA ARG B 161 28.11 20.42 22.19
C ARG B 161 28.96 21.62 22.73
C ARG B 161 28.95 21.60 22.75
N ASP B 162 30.23 21.38 23.02
CA ASP B 162 31.11 22.44 23.58
C ASP B 162 31.90 23.13 22.47
N GLY B 163 31.49 23.02 21.19
CA GLY B 163 32.16 23.73 20.08
C GLY B 163 32.14 25.24 20.30
N ARG B 164 33.19 25.93 19.93
CA ARG B 164 33.29 27.42 20.09
C ARG B 164 32.10 28.12 19.42
N LEU B 165 31.65 27.64 18.24
CA LEU B 165 30.63 28.32 17.40
C LEU B 165 29.31 27.54 17.41
N ASN B 166 29.12 26.56 18.27
CA ASN B 166 27.81 25.92 18.46
C ASN B 166 27.07 26.70 19.58
N LEU B 167 25.93 27.30 19.28
CA LEU B 167 25.17 28.12 20.26
C LEU B 167 24.04 27.33 20.95
N ALA B 168 23.85 26.05 20.61
CA ALA B 168 22.66 25.27 21.08
C ALA B 168 22.60 25.19 22.62
N SER B 169 23.70 24.96 23.31
CA SER B 169 23.65 24.81 24.79
C SER B 169 23.46 26.16 25.50
N ARG B 170 23.68 27.28 24.83
CA ARG B 170 23.64 28.61 25.47
C ARG B 170 22.31 29.35 25.26
N LEU B 171 21.57 29.05 24.21
CA LEU B 171 20.40 29.88 23.81
C LEU B 171 19.14 29.39 24.50
N PRO B 172 18.20 30.34 24.79
CA PRO B 172 16.89 29.96 25.31
C PRO B 172 16.00 29.15 24.35
N SER B 173 14.91 28.57 24.88
CA SER B 173 14.01 27.67 24.13
C SER B 173 13.31 28.32 22.94
N TYR B 174 13.25 29.66 22.85
CA TYR B 174 12.65 30.35 21.68
C TYR B 174 13.60 30.33 20.47
N PHE B 175 14.85 29.82 20.63
CA PHE B 175 15.77 29.57 19.48
C PHE B 175 15.92 28.07 19.21
N VAL B 176 15.85 27.20 20.21
CA VAL B 176 16.32 25.79 20.05
C VAL B 176 15.78 24.90 21.17
N ARG B 177 15.44 23.65 20.83
CA ARG B 177 15.05 22.63 21.82
C ARG B 177 16.23 22.36 22.74
N PRO B 178 16.01 22.13 24.03
CA PRO B 178 17.10 21.75 24.94
C PRO B 178 17.67 20.33 24.75
N ASP B 179 18.96 20.20 25.09
CA ASP B 179 19.65 18.90 25.27
C ASP B 179 19.67 18.11 23.95
N LEU B 180 20.27 18.68 22.91
CA LEU B 180 20.30 18.01 21.58
C LEU B 180 21.18 16.75 21.71
N GLY B 181 20.78 15.66 21.03
CA GLY B 181 21.54 14.40 20.93
C GLY B 181 21.33 13.76 19.56
N PRO B 182 22.19 12.82 19.16
CA PRO B 182 22.16 12.23 17.81
C PRO B 182 20.93 11.35 17.57
N LYS B 183 20.57 11.22 16.29
CA LYS B 183 19.41 10.42 15.83
C LYS B 183 19.89 9.53 14.68
N MET B 184 19.41 8.30 14.60
CA MET B 184 19.74 7.35 13.48
C MET B 184 18.64 7.38 12.45
N TYR B 185 18.97 7.17 11.18
CA TYR B 185 18.02 6.98 10.06
C TYR B 185 18.40 5.67 9.38
N ASN B 186 17.54 4.63 9.53
CA ASN B 186 17.86 3.22 9.19
C ASN B 186 16.76 2.71 8.25
N ALA B 187 17.03 2.48 6.96
CA ALA B 187 15.95 2.14 6.01
C ALA B 187 16.54 1.31 4.85
N TYR B 188 15.73 0.40 4.30
CA TYR B 188 16.11 -0.38 3.11
C TYR B 188 16.23 0.55 1.88
N GLY B 189 16.89 0.06 0.81
CA GLY B 189 16.91 0.75 -0.50
C GLY B 189 15.61 0.60 -1.27
N LEU B 190 15.16 1.61 -1.97
CA LEU B 190 14.07 1.52 -2.97
C LEU B 190 14.59 0.80 -4.22
N ILE B 191 13.71 0.04 -4.90
CA ILE B 191 14.12 -1.09 -5.82
C ILE B 191 13.51 -0.95 -7.23
N THR B 192 12.20 -0.68 -7.35
CA THR B 192 11.45 -0.81 -8.64
C THR B 192 11.41 0.49 -9.43
N ALA B 193 10.99 0.43 -10.70
CA ALA B 193 10.67 1.62 -11.51
C ALA B 193 9.59 2.45 -10.82
N GLU B 194 8.52 1.85 -10.28
CA GLU B 194 7.44 2.57 -9.57
C GLU B 194 8.04 3.24 -8.31
N ASP B 195 9.07 2.64 -7.69
CA ASP B 195 9.75 3.16 -6.47
C ASP B 195 10.52 4.45 -6.78
N ARG B 196 10.80 4.75 -8.05
CA ARG B 196 11.61 5.95 -8.39
C ARG B 196 10.92 7.22 -7.87
N ARG B 197 9.59 7.26 -7.81
CA ARG B 197 8.78 8.43 -7.39
C ARG B 197 8.46 8.41 -5.88
N VAL B 198 9.04 7.49 -5.12
CA VAL B 198 8.75 7.34 -3.67
C VAL B 198 9.95 7.94 -2.89
N GLY B 199 9.69 8.60 -1.76
CA GLY B 199 10.75 9.01 -0.82
C GLY B 199 10.97 8.01 0.31
N THR B 200 12.23 7.77 0.67
CA THR B 200 12.64 7.17 1.98
C THR B 200 12.15 8.14 3.07
N THR B 201 12.35 9.44 2.83
CA THR B 201 11.79 10.56 3.64
C THR B 201 11.28 11.64 2.70
N ASN B 202 9.99 11.99 2.83
CA ASN B 202 9.30 13.01 2.03
C ASN B 202 9.94 14.38 2.30
N LEU B 203 9.69 15.34 1.40
CA LEU B 203 10.11 16.75 1.56
C LEU B 203 9.63 17.26 2.92
N HIS B 204 10.52 17.90 3.68
CA HIS B 204 10.23 18.52 5.00
C HIS B 204 11.28 19.60 5.25
N LEU B 205 11.14 20.37 6.35
CA LEU B 205 12.29 21.22 6.82
C LEU B 205 12.52 20.97 8.32
N ASP B 206 13.71 21.34 8.83
CA ASP B 206 14.08 21.21 10.27
C ASP B 206 14.37 22.61 10.82
N VAL B 207 14.08 22.83 12.11
CA VAL B 207 14.13 24.19 12.74
C VAL B 207 15.54 24.52 13.22
N SER B 208 16.46 23.56 13.22
CA SER B 208 17.89 23.82 13.56
C SER B 208 18.77 23.50 12.36
N ASP B 209 20.06 23.83 12.47
CA ASP B 209 21.07 23.30 11.53
C ASP B 209 21.31 21.81 11.85
N ALA B 210 21.81 21.00 10.89
CA ALA B 210 22.16 19.60 11.13
C ALA B 210 23.29 19.13 10.24
N VAL B 211 23.96 18.09 10.70
CA VAL B 211 24.92 17.28 9.90
C VAL B 211 24.43 15.83 9.86
N ASN B 212 24.44 15.21 8.70
CA ASN B 212 23.97 13.81 8.49
C ASN B 212 25.12 12.99 7.91
N VAL B 213 25.58 11.97 8.64
CA VAL B 213 26.72 11.09 8.23
C VAL B 213 26.23 9.70 7.76
N MET B 214 26.66 9.30 6.58
CA MET B 214 26.45 7.91 6.07
C MET B 214 27.51 7.00 6.72
N VAL B 215 27.12 6.07 7.60
CA VAL B 215 28.10 5.19 8.31
C VAL B 215 28.13 3.77 7.75
N TYR B 216 27.12 3.35 6.99
CA TYR B 216 27.13 1.98 6.35
C TYR B 216 26.21 1.97 5.14
N VAL B 217 26.66 1.32 4.05
CA VAL B 217 25.84 1.13 2.81
C VAL B 217 25.82 -0.39 2.53
N GLY B 218 24.62 -0.96 2.52
CA GLY B 218 24.43 -2.42 2.33
C GLY B 218 23.86 -2.66 0.94
N ILE B 219 24.66 -3.31 0.13
CA ILE B 219 24.33 -3.69 -1.27
C ILE B 219 23.97 -5.18 -1.27
N PRO B 220 22.68 -5.57 -1.50
CA PRO B 220 22.31 -6.99 -1.67
C PRO B 220 22.94 -7.55 -2.96
N ILE B 221 23.12 -8.87 -3.10
CA ILE B 221 23.52 -9.53 -4.40
C ILE B 221 22.35 -10.36 -4.93
N ALA B 225 23.57 -8.13 -8.89
CA ALA B 225 23.78 -6.69 -9.17
C ALA B 225 22.64 -6.16 -10.06
N HIS B 226 21.66 -5.48 -9.45
CA HIS B 226 20.57 -4.72 -10.14
C HIS B 226 20.92 -3.22 -10.06
N ASP B 227 22.12 -2.86 -10.53
CA ASP B 227 22.62 -1.47 -10.66
C ASP B 227 21.85 -0.75 -11.78
N GLU B 228 20.84 -1.39 -12.37
CA GLU B 228 20.14 -0.95 -13.62
C GLU B 228 19.25 0.24 -13.27
N GLU B 229 18.22 -0.01 -12.45
CA GLU B 229 17.24 0.99 -11.98
C GLU B 229 17.98 2.07 -11.15
N VAL B 230 19.04 1.69 -10.45
CA VAL B 230 19.87 2.63 -9.64
C VAL B 230 20.51 3.68 -10.56
N LEU B 231 21.13 3.30 -11.69
CA LEU B 231 21.79 4.30 -12.61
C LEU B 231 20.73 5.19 -13.30
N LYS B 232 19.55 4.66 -13.62
CA LYS B 232 18.45 5.48 -14.18
C LYS B 232 17.93 6.46 -13.10
N THR B 233 17.87 6.05 -11.83
CA THR B 233 17.34 6.93 -10.75
C THR B 233 18.28 8.14 -10.55
N ILE B 234 19.58 7.88 -10.56
CA ILE B 234 20.68 8.90 -10.47
C ILE B 234 20.53 9.90 -11.63
N ASP B 235 20.38 9.37 -12.85
CA ASP B 235 20.35 10.21 -14.07
C ASP B 235 19.09 11.11 -14.04
N GLU B 236 17.91 10.51 -13.93
CA GLU B 236 16.60 11.22 -13.89
C GLU B 236 16.55 12.16 -12.66
N GLY B 237 17.28 11.78 -11.60
CA GLY B 237 17.48 12.57 -10.36
C GLY B 237 18.30 13.84 -10.58
N ASP B 238 18.97 13.99 -11.74
CA ASP B 238 19.68 15.24 -12.13
C ASP B 238 21.04 15.34 -11.43
N ALA B 239 21.67 14.23 -11.05
CA ALA B 239 23.05 14.20 -10.54
C ALA B 239 23.98 14.72 -11.67
N ASP B 240 25.08 15.36 -11.31
CA ASP B 240 26.05 15.97 -12.28
C ASP B 240 26.88 14.87 -12.93
N GLU B 241 27.67 15.19 -13.97
CA GLU B 241 28.33 14.15 -14.81
C GLU B 241 29.49 13.52 -14.03
N VAL B 242 30.19 14.27 -13.18
CA VAL B 242 31.35 13.76 -12.42
C VAL B 242 30.84 12.66 -11.47
N THR B 243 29.64 12.85 -10.92
CA THR B 243 28.98 11.93 -9.94
C THR B 243 28.59 10.65 -10.69
N LYS B 244 27.89 10.80 -11.81
CA LYS B 244 27.48 9.65 -12.68
C LYS B 244 28.70 8.84 -13.12
N GLU B 245 29.71 9.50 -13.68
CA GLU B 245 30.88 8.76 -14.26
C GLU B 245 31.61 8.13 -13.08
N ARG B 246 31.56 8.77 -11.92
CA ARG B 246 32.27 8.34 -10.71
C ARG B 246 31.76 6.99 -10.18
N ILE B 247 30.48 6.65 -10.35
CA ILE B 247 29.93 5.38 -9.80
C ILE B 247 30.37 4.20 -10.68
N HIS B 248 31.49 4.34 -11.42
CA HIS B 248 32.31 3.22 -12.00
C HIS B 248 33.80 3.59 -12.19
N ASP B 249 34.25 4.80 -11.78
CA ASP B 249 35.63 5.32 -11.99
C ASP B 249 36.52 4.83 -10.82
N HIS B 250 36.00 4.91 -9.60
CA HIS B 250 36.35 4.07 -8.43
C HIS B 250 35.32 2.92 -8.39
N LYS B 251 35.26 2.17 -7.30
CA LYS B 251 34.05 1.40 -6.87
C LYS B 251 33.62 1.88 -5.47
N GLU B 252 33.15 3.13 -5.36
CA GLU B 252 32.56 3.62 -4.10
C GLU B 252 31.20 2.97 -3.95
N LYS B 253 30.60 3.17 -2.78
CA LYS B 253 29.24 2.72 -2.43
C LYS B 253 28.32 3.94 -2.38
N PRO B 254 27.49 4.19 -3.42
CA PRO B 254 26.46 5.24 -3.36
C PRO B 254 25.29 4.81 -2.46
N GLY B 255 24.89 5.65 -1.49
CA GLY B 255 23.88 5.26 -0.49
C GLY B 255 22.53 5.90 -0.78
N ALA B 256 22.46 7.22 -0.94
CA ALA B 256 21.17 7.91 -1.04
C ALA B 256 21.24 9.12 -1.96
N LEU B 257 20.11 9.41 -2.59
CA LEU B 257 19.92 10.59 -3.44
C LEU B 257 19.07 11.61 -2.68
N TRP B 258 19.64 12.79 -2.42
CA TRP B 258 18.98 13.93 -1.78
C TRP B 258 18.58 14.97 -2.81
N HIS B 259 17.50 15.70 -2.58
CA HIS B 259 17.28 17.04 -3.17
C HIS B 259 17.13 18.04 -2.04
N ILE B 260 17.93 19.11 -2.05
CA ILE B 260 17.93 20.17 -1.03
C ILE B 260 17.63 21.49 -1.71
N TYR B 261 16.80 22.32 -1.11
CA TYR B 261 16.39 23.67 -1.58
C TYR B 261 16.80 24.71 -0.55
N ALA B 262 17.15 25.91 -1.03
CA ALA B 262 17.47 27.05 -0.15
C ALA B 262 16.29 27.42 0.77
N ALA B 263 16.58 27.80 2.03
CA ALA B 263 15.55 28.27 3.00
C ALA B 263 14.69 29.40 2.37
N LYS B 264 15.28 30.29 1.58
CA LYS B 264 14.53 31.43 0.98
C LYS B 264 13.54 30.97 -0.10
N ASP B 265 13.60 29.72 -0.59
CA ASP B 265 12.70 29.19 -1.66
C ASP B 265 11.56 28.37 -1.06
N ALA B 266 11.42 28.26 0.26
CA ALA B 266 10.39 27.39 0.88
C ALA B 266 8.99 27.88 0.43
N GLU B 267 8.73 29.19 0.43
CA GLU B 267 7.33 29.69 0.22
C GLU B 267 6.95 29.46 -1.25
N LYS B 268 7.88 29.58 -2.18
CA LYS B 268 7.65 29.23 -3.62
C LYS B 268 7.32 27.75 -3.73
N ILE B 269 7.97 26.86 -2.95
CA ILE B 269 7.68 25.41 -3.03
C ILE B 269 6.24 25.20 -2.50
N ARG B 270 5.84 25.93 -1.45
CA ARG B 270 4.49 25.74 -0.86
C ARG B 270 3.43 26.21 -1.89
N GLU B 271 3.71 27.29 -2.57
CA GLU B 271 2.80 27.82 -3.64
C GLU B 271 2.54 26.71 -4.67
N LEU B 272 3.58 26.04 -5.16
CA LEU B 272 3.47 24.96 -6.19
C LEU B 272 2.62 23.80 -5.66
N LEU B 273 2.91 23.29 -4.47
CA LEU B 273 2.26 22.07 -3.92
C LEU B 273 0.81 22.40 -3.46
N ARG B 274 0.51 23.66 -3.14
CA ARG B 274 -0.91 24.09 -2.93
C ARG B 274 -1.65 23.94 -4.28
N LYS B 275 -1.05 24.38 -5.38
CA LYS B 275 -1.67 24.32 -6.72
C LYS B 275 -1.87 22.84 -7.11
N VAL B 276 -0.80 22.03 -7.07
CA VAL B 276 -0.84 20.62 -7.54
C VAL B 276 -1.85 19.83 -6.71
N GLY B 277 -1.94 20.10 -5.41
CA GLY B 277 -2.87 19.42 -4.51
C GLY B 277 -4.31 19.71 -4.89
N GLU B 278 -4.57 20.95 -5.31
CA GLU B 278 -5.91 21.43 -5.77
C GLU B 278 -6.27 20.66 -7.05
N GLU B 279 -5.31 20.57 -7.99
CA GLU B 279 -5.43 19.82 -9.26
C GLU B 279 -5.72 18.35 -9.01
N GLN B 280 -5.21 17.79 -7.91
CA GLN B 280 -5.29 16.34 -7.63
C GLN B 280 -6.57 15.99 -6.83
N GLY B 281 -7.36 16.98 -6.39
CA GLY B 281 -8.61 16.71 -5.64
C GLY B 281 -8.62 17.30 -4.25
N GLN B 282 -7.48 17.31 -3.56
CA GLN B 282 -7.35 17.81 -2.15
C GLN B 282 -8.14 19.13 -2.00
N GLU B 283 -8.85 19.28 -0.88
CA GLU B 283 -9.58 20.52 -0.48
C GLU B 283 -8.90 21.08 0.78
N ASN B 284 -7.92 21.95 0.59
CA ASN B 284 -7.03 22.49 1.65
C ASN B 284 -7.30 23.99 1.74
N PRO B 285 -7.25 24.62 2.94
CA PRO B 285 -7.33 26.09 3.03
C PRO B 285 -6.14 26.76 2.36
N PRO B 286 -6.21 28.08 2.05
CA PRO B 286 -5.12 28.75 1.32
C PRO B 286 -3.84 28.94 2.17
N ASP B 287 -3.96 28.76 3.50
CA ASP B 287 -2.89 28.86 4.53
C ASP B 287 -2.14 27.53 4.67
N HIS B 288 -2.73 26.45 4.19
CA HIS B 288 -2.20 25.07 4.31
C HIS B 288 -0.71 25.02 3.96
N ASP B 289 0.06 24.23 4.72
CA ASP B 289 1.54 24.18 4.62
C ASP B 289 1.95 22.78 4.18
N PRO B 290 2.13 22.52 2.86
CA PRO B 290 2.45 21.19 2.41
C PRO B 290 3.87 20.67 2.79
N ILE B 291 4.78 21.58 3.18
CA ILE B 291 6.13 21.18 3.71
C ILE B 291 5.95 20.65 5.15
N HIS B 292 5.16 21.33 5.99
CA HIS B 292 4.80 20.87 7.35
C HIS B 292 4.10 19.50 7.26
N ASP B 293 3.24 19.28 6.25
CA ASP B 293 2.49 17.99 6.11
C ASP B 293 3.38 16.77 5.88
N GLN B 294 4.60 16.95 5.33
CA GLN B 294 5.58 15.87 5.06
C GLN B 294 4.95 14.78 4.17
N SER B 295 4.06 15.17 3.25
CA SER B 295 3.25 14.23 2.41
C SER B 295 3.73 14.19 0.95
N TRP B 296 4.73 14.98 0.55
CA TRP B 296 5.14 15.11 -0.88
C TRP B 296 6.54 14.57 -1.13
N TYR B 297 6.72 13.85 -2.22
CA TYR B 297 8.08 13.61 -2.78
C TYR B 297 8.12 14.24 -4.16
N LEU B 298 9.06 15.15 -4.39
CA LEU B 298 9.17 15.85 -5.70
C LEU B 298 9.85 14.92 -6.72
N ASP B 299 9.05 14.33 -7.61
CA ASP B 299 9.52 13.42 -8.68
C ASP B 299 10.05 14.27 -9.84
N GLN B 300 10.53 13.67 -10.92
CA GLN B 300 11.14 14.45 -12.03
C GLN B 300 10.16 15.48 -12.57
N THR B 301 8.89 15.11 -12.73
CA THR B 301 7.84 16.02 -13.28
C THR B 301 7.73 17.26 -12.37
N LEU B 302 7.66 17.04 -11.06
CA LEU B 302 7.40 18.14 -10.10
C LEU B 302 8.65 19.05 -10.01
N ARG B 303 9.87 18.48 -9.98
CA ARG B 303 11.14 19.26 -9.95
C ARG B 303 11.22 20.15 -11.22
N LYS B 304 10.89 19.61 -12.38
CA LYS B 304 10.97 20.37 -13.66
C LYS B 304 10.01 21.56 -13.60
N ARG B 305 8.76 21.31 -13.19
CA ARG B 305 7.69 22.32 -13.05
C ARG B 305 8.09 23.39 -12.02
N LEU B 306 8.76 22.99 -10.91
CA LEU B 306 9.27 23.95 -9.88
C LEU B 306 10.26 24.89 -10.55
N TYR B 307 11.17 24.36 -11.36
CA TYR B 307 12.18 25.21 -12.03
C TYR B 307 11.50 26.15 -13.05
N GLU B 308 10.75 25.56 -13.98
N GLU B 308 10.72 25.59 -13.97
CA GLU B 308 10.01 26.23 -15.08
CA GLU B 308 10.10 26.33 -15.09
C GLU B 308 9.19 27.39 -14.53
C GLU B 308 9.16 27.42 -14.55
N GLU B 309 8.22 27.07 -13.65
CA GLU B 309 7.19 28.02 -13.17
C GLU B 309 7.73 28.99 -12.10
N TYR B 310 8.71 28.65 -11.25
CA TYR B 310 9.03 29.51 -10.06
C TYR B 310 10.50 29.93 -10.01
N GLY B 311 11.36 29.41 -10.90
CA GLY B 311 12.80 29.76 -10.96
C GLY B 311 13.65 29.01 -9.94
N VAL B 312 13.11 28.00 -9.26
CA VAL B 312 13.79 27.35 -8.09
C VAL B 312 14.51 26.08 -8.58
N GLN B 313 15.81 25.99 -8.35
CA GLN B 313 16.69 24.94 -8.92
C GLN B 313 16.96 23.79 -7.93
N GLY B 314 17.54 24.09 -6.77
CA GLY B 314 17.88 23.01 -5.80
C GLY B 314 19.15 22.23 -6.13
N TRP B 315 19.65 21.47 -5.14
CA TRP B 315 20.90 20.69 -5.22
C TRP B 315 20.52 19.21 -5.24
N ALA B 316 20.89 18.46 -6.28
CA ALA B 316 20.77 16.98 -6.35
C ALA B 316 22.10 16.38 -5.88
N ILE B 317 22.11 15.73 -4.72
CA ILE B 317 23.34 15.22 -4.05
C ILE B 317 23.27 13.70 -3.89
N VAL B 318 24.32 13.01 -4.32
CA VAL B 318 24.51 11.58 -4.01
C VAL B 318 25.46 11.45 -2.81
N GLN B 319 24.91 10.95 -1.69
CA GLN B 319 25.67 10.69 -0.43
C GLN B 319 26.23 9.25 -0.49
N PHE B 320 27.55 9.12 -0.56
CA PHE B 320 28.30 7.85 -0.55
C PHE B 320 28.72 7.51 0.88
N LEU B 321 29.20 6.29 1.11
CA LEU B 321 29.71 5.86 2.43
C LEU B 321 30.74 6.90 2.92
N GLY B 322 30.54 7.38 4.15
CA GLY B 322 31.43 8.33 4.86
C GLY B 322 31.16 9.79 4.52
N ASP B 323 30.20 10.10 3.64
CA ASP B 323 29.83 11.51 3.28
C ASP B 323 28.98 12.11 4.42
N ALA B 324 29.38 13.29 4.95
CA ALA B 324 28.60 14.12 5.86
C ALA B 324 27.96 15.24 5.08
N VAL B 325 26.62 15.33 5.13
CA VAL B 325 25.84 16.38 4.48
C VAL B 325 25.39 17.41 5.51
N PHE B 326 25.86 18.66 5.34
CA PHE B 326 25.44 19.78 6.22
C PHE B 326 24.21 20.47 5.64
N ILE B 327 23.14 20.58 6.43
CA ILE B 327 21.78 21.07 6.04
C ILE B 327 21.43 22.36 6.81
N PRO B 328 21.33 23.53 6.13
CA PRO B 328 20.98 24.79 6.79
C PRO B 328 19.58 24.70 7.40
N ALA B 329 19.40 25.24 8.60
CA ALA B 329 18.07 25.44 9.18
C ALA B 329 17.09 26.01 8.13
N GLY B 330 15.94 25.37 8.00
CA GLY B 330 14.85 25.85 7.14
C GLY B 330 15.00 25.43 5.69
N ALA B 331 16.09 24.76 5.29
CA ALA B 331 16.29 24.35 3.86
C ALA B 331 15.41 23.13 3.65
N PRO B 332 14.32 23.18 2.83
CA PRO B 332 13.55 21.94 2.59
C PRO B 332 14.38 20.85 1.91
N HIS B 333 14.14 19.59 2.30
CA HIS B 333 14.92 18.47 1.74
C HIS B 333 14.13 17.16 1.77
N GLN B 334 14.46 16.29 0.82
CA GLN B 334 13.89 14.93 0.67
C GLN B 334 15.03 13.96 0.42
N VAL B 335 14.82 12.69 0.77
CA VAL B 335 15.84 11.62 0.64
C VAL B 335 15.24 10.37 -0.02
N HIS B 336 16.01 9.73 -0.91
CA HIS B 336 15.61 8.48 -1.63
C HIS B 336 16.77 7.50 -1.51
N ASN B 337 16.68 6.47 -0.63
CA ASN B 337 17.79 5.50 -0.49
C ASN B 337 17.92 4.64 -1.76
N LEU B 338 19.13 4.58 -2.32
CA LEU B 338 19.48 3.73 -3.49
C LEU B 338 19.76 2.31 -3.06
N TYR B 339 20.42 2.11 -1.92
CA TYR B 339 20.71 0.82 -1.27
C TYR B 339 20.31 0.97 0.21
N SER B 340 20.38 -0.12 0.97
CA SER B 340 20.07 -0.05 2.41
C SER B 340 21.13 0.85 3.07
N CYS B 341 20.71 1.79 3.92
CA CYS B 341 21.65 2.75 4.58
C CYS B 341 21.48 2.81 6.10
N ILE B 342 22.60 2.94 6.81
CA ILE B 342 22.64 3.46 8.20
C ILE B 342 23.22 4.88 8.20
N LYS B 343 22.43 5.88 8.62
CA LYS B 343 22.92 7.27 8.76
C LYS B 343 22.76 7.71 10.22
N VAL B 344 23.59 8.66 10.66
CA VAL B 344 23.47 9.23 12.02
C VAL B 344 23.60 10.74 11.88
N ALA B 345 22.68 11.48 12.49
CA ALA B 345 22.62 12.96 12.36
C ALA B 345 22.70 13.63 13.74
N GLU B 346 23.26 14.86 13.77
CA GLU B 346 23.37 15.69 15.00
C GLU B 346 22.85 17.10 14.64
N ASP B 347 21.94 17.63 15.43
CA ASP B 347 21.44 19.03 15.30
C ASP B 347 22.44 19.96 16.01
N PHE B 348 22.54 21.20 15.54
CA PHE B 348 23.42 22.27 16.11
C PHE B 348 22.81 23.63 15.74
N VAL B 349 23.34 24.73 16.32
CA VAL B 349 22.89 26.10 16.00
C VAL B 349 24.11 26.97 15.68
N SER B 350 24.33 27.30 14.41
CA SER B 350 25.42 28.24 14.02
C SER B 350 25.00 29.70 14.20
N PRO B 351 25.97 30.59 14.47
CA PRO B 351 25.71 32.03 14.52
C PRO B 351 25.10 32.59 13.22
N GLU B 352 25.55 32.04 12.10
CA GLU B 352 25.16 32.47 10.74
C GLU B 352 23.65 32.30 10.58
N HIS B 353 23.03 31.30 11.24
CA HIS B 353 21.61 30.97 11.02
C HIS B 353 20.74 31.21 12.28
N VAL B 354 21.22 31.95 13.29
CA VAL B 354 20.43 32.12 14.54
C VAL B 354 19.11 32.88 14.30
N LYS B 355 19.06 33.83 13.39
CA LYS B 355 17.79 34.57 13.11
C LYS B 355 16.77 33.59 12.51
N HIS B 356 17.18 32.77 11.55
CA HIS B 356 16.34 31.70 10.96
C HIS B 356 15.80 30.79 12.08
N CYS B 357 16.68 30.30 12.97
CA CYS B 357 16.30 29.37 14.05
C CYS B 357 15.18 29.97 14.91
N PHE B 358 15.21 31.30 15.22
CA PHE B 358 14.18 31.99 16.01
C PHE B 358 12.84 31.95 15.25
N ARG B 359 12.85 32.31 13.98
CA ARG B 359 11.62 32.43 13.14
C ARG B 359 11.03 31.04 12.90
N LEU B 360 11.86 30.03 12.62
CA LEU B 360 11.36 28.64 12.39
C LEU B 360 10.75 28.06 13.66
N THR B 361 11.33 28.35 14.84
CA THR B 361 10.81 27.86 16.13
C THR B 361 9.41 28.51 16.36
N GLN B 362 9.31 29.80 16.10
CA GLN B 362 8.03 30.57 16.24
C GLN B 362 6.97 29.87 15.36
N GLU B 363 7.31 29.57 14.12
CA GLU B 363 6.33 29.05 13.11
C GLU B 363 5.98 27.61 13.49
N PHE B 364 6.94 26.80 13.98
CA PHE B 364 6.65 25.43 14.43
C PHE B 364 5.60 25.47 15.55
N ARG B 365 5.77 26.34 16.54
CA ARG B 365 4.81 26.52 17.66
C ARG B 365 3.42 26.92 17.10
N HIS B 366 3.37 27.82 16.13
CA HIS B 366 2.08 28.26 15.50
C HIS B 366 1.41 27.08 14.77
N LEU B 367 2.15 26.30 14.01
CA LEU B 367 1.61 25.14 13.24
C LEU B 367 1.19 24.05 14.24
N SER B 368 1.74 24.03 15.45
CA SER B 368 1.44 23.03 16.51
C SER B 368 -0.02 23.11 16.97
N ASN B 369 -0.54 24.33 17.17
CA ASN B 369 -1.93 24.59 17.66
C ASN B 369 -2.62 25.63 16.76
#